data_5HJD
#
_entry.id   5HJD
#
_cell.length_a   91.264
_cell.length_b   101.573
_cell.length_c   102.076
_cell.angle_alpha   90.00
_cell.angle_beta   103.06
_cell.angle_gamma   90.00
#
_symmetry.space_group_name_H-M   'P 1 21 1'
#
loop_
_entity.id
_entity.type
_entity.pdbx_description
1 polymer 'Protein AF-9'
2 polymer 'peptide of Histone H3.1'
3 non-polymer 'COPPER (II) ION'
4 non-polymer 'SULFATE ION'
5 water water
#
loop_
_entity_poly.entity_id
_entity_poly.type
_entity_poly.pdbx_seq_one_letter_code
_entity_poly.pdbx_strand_id
1 'polypeptide(L)'
;SHMASSCAVQVKLELGHRAQVRKKPTVEGFTHDWMVFVRGPEHSNIQHFVEKVVFHLHESFPRPKRVCKDPPYKVEESGY
AGFILPIEVYFKNKEEPRKVRFDYDLFLHLEGHPPVNHLRCEKLTFNNPTEDFRRKLLKA
;
A,C,E,G,K,N,Q,T
2 'polypeptide(L)' KAPR(KCR)QL L,M,B,D,F,H,I,J
#
# COMPACT_ATOMS: atom_id res chain seq x y z
N MET A 3 18.49 10.74 -2.13
CA MET A 3 17.03 10.71 -2.18
C MET A 3 16.34 9.89 -1.07
N ALA A 4 16.74 8.64 -0.80
CA ALA A 4 17.83 7.92 -1.46
C ALA A 4 17.31 6.78 -2.32
N SER A 5 17.37 6.97 -3.64
CA SER A 5 16.94 5.97 -4.60
C SER A 5 17.43 6.34 -5.99
N SER A 6 17.72 5.35 -6.81
CA SER A 6 18.28 5.64 -8.12
C SER A 6 18.10 4.51 -9.13
N CYS A 7 17.70 4.89 -10.33
CA CYS A 7 17.58 3.94 -11.44
C CYS A 7 18.73 4.12 -12.42
N ALA A 8 19.34 3.00 -12.82
CA ALA A 8 20.36 3.06 -13.86
C ALA A 8 19.88 2.26 -15.07
N VAL A 9 19.48 2.98 -16.11
CA VAL A 9 19.02 2.34 -17.34
C VAL A 9 20.20 2.11 -18.29
N GLN A 10 20.41 0.85 -18.65
CA GLN A 10 21.53 0.49 -19.51
C GLN A 10 21.06 0.05 -20.89
N VAL A 11 21.63 0.66 -21.92
CA VAL A 11 21.35 0.27 -23.30
C VAL A 11 22.65 -0.13 -24.00
N LYS A 12 22.55 -1.04 -24.97
CA LYS A 12 23.72 -1.50 -25.70
C LYS A 12 23.81 -0.80 -27.05
N LEU A 13 24.99 -0.28 -27.38
CA LEU A 13 25.23 0.29 -28.69
C LEU A 13 26.37 -0.44 -29.38
N GLU A 14 26.26 -0.59 -30.69
CA GLU A 14 27.29 -1.25 -31.48
C GLU A 14 27.83 -0.33 -32.56
N LEU A 15 29.15 -0.13 -32.54
CA LEU A 15 29.82 0.62 -33.58
C LEU A 15 30.70 -0.33 -34.38
N GLY A 16 30.72 -0.18 -35.69
CA GLY A 16 31.51 -1.06 -36.54
C GLY A 16 31.76 -0.51 -37.93
N HIS A 17 32.69 -1.12 -38.65
CA HIS A 17 32.97 -0.73 -40.02
C HIS A 17 33.58 -1.86 -40.84
N ARG A 18 33.22 -1.91 -42.12
CA ARG A 18 33.85 -2.81 -43.08
C ARG A 18 34.73 -2.00 -44.01
N ALA A 19 35.90 -2.52 -44.35
CA ALA A 19 36.82 -1.81 -45.22
C ALA A 19 37.50 -2.76 -46.20
N GLN A 20 37.08 -2.69 -47.46
CA GLN A 20 37.59 -3.58 -48.50
C GLN A 20 38.44 -2.84 -49.53
N VAL A 21 39.49 -3.51 -50.00
CA VAL A 21 40.28 -3.00 -51.11
C VAL A 21 39.54 -3.25 -52.42
N ARG A 22 39.42 -2.20 -53.23
CA ARG A 22 38.79 -2.32 -54.54
C ARG A 22 39.68 -3.12 -55.49
N LYS A 23 39.06 -3.89 -56.39
CA LYS A 23 39.81 -4.68 -57.36
C LYS A 23 40.55 -3.78 -58.33
N LYS A 24 39.94 -2.65 -58.65
CA LYS A 24 40.61 -1.58 -59.37
C LYS A 24 40.16 -0.24 -58.79
N PRO A 25 41.13 0.65 -58.53
CA PRO A 25 40.83 1.95 -57.92
C PRO A 25 39.86 2.78 -58.75
N THR A 26 39.25 3.78 -58.11
CA THR A 26 38.30 4.66 -58.79
C THR A 26 39.03 5.63 -59.72
N VAL A 27 38.28 6.48 -60.39
CA VAL A 27 38.86 7.45 -61.32
C VAL A 27 39.67 8.51 -60.58
N GLU A 28 39.35 8.70 -59.30
CA GLU A 28 40.06 9.67 -58.47
C GLU A 28 41.30 9.06 -57.84
N GLY A 29 41.43 7.74 -57.96
CA GLY A 29 42.57 7.02 -57.43
C GLY A 29 42.31 6.33 -56.10
N PHE A 30 41.04 6.29 -55.69
CA PHE A 30 40.68 5.70 -54.40
C PHE A 30 40.89 4.19 -54.41
N THR A 31 41.65 3.69 -53.44
CA THR A 31 41.97 2.26 -53.38
C THR A 31 40.90 1.44 -52.66
N HIS A 32 40.24 2.03 -51.68
CA HIS A 32 39.39 1.25 -50.77
C HIS A 32 37.90 1.54 -50.85
N ASP A 33 37.11 0.52 -50.51
CA ASP A 33 35.69 0.65 -50.26
C ASP A 33 35.43 0.43 -48.78
N TRP A 34 34.73 1.36 -48.14
CA TRP A 34 34.37 1.13 -46.74
C TRP A 34 32.98 1.63 -46.36
N MET A 35 32.46 1.05 -45.27
CA MET A 35 31.16 1.39 -44.73
C MET A 35 31.25 1.41 -43.20
N VAL A 36 30.69 2.45 -42.58
CA VAL A 36 30.70 2.57 -41.12
C VAL A 36 29.27 2.66 -40.62
N PHE A 37 29.00 2.12 -39.43
CA PHE A 37 27.63 2.07 -38.94
C PHE A 37 27.49 2.18 -37.42
N VAL A 38 26.28 2.55 -36.99
CA VAL A 38 25.90 2.51 -35.59
C VAL A 38 24.57 1.77 -35.49
N ARG A 39 24.52 0.74 -34.67
CA ARG A 39 23.35 -0.11 -34.58
C ARG A 39 23.17 -0.66 -33.18
N GLY A 40 22.06 -1.34 -32.96
CA GLY A 40 21.81 -2.01 -31.69
C GLY A 40 22.08 -3.49 -31.83
N PRO A 41 22.16 -4.20 -30.70
CA PRO A 41 22.42 -5.64 -30.73
C PRO A 41 21.21 -6.45 -31.18
N GLU A 42 21.47 -7.51 -31.95
CA GLU A 42 20.46 -8.47 -32.38
C GLU A 42 19.12 -7.84 -32.78
N HIS A 43 18.07 -8.31 -32.11
CA HIS A 43 16.71 -7.87 -32.40
C HIS A 43 16.32 -6.71 -31.49
N SER A 44 16.83 -5.53 -31.80
CA SER A 44 16.52 -4.32 -31.03
C SER A 44 16.58 -3.09 -31.91
N ASN A 45 15.50 -2.30 -31.91
CA ASN A 45 15.48 -1.07 -32.68
C ASN A 45 15.83 0.12 -31.79
N ILE A 46 16.98 0.73 -32.06
CA ILE A 46 17.45 1.85 -31.25
C ILE A 46 16.85 3.17 -31.73
N GLN A 47 16.05 3.09 -32.79
CA GLN A 47 15.35 4.26 -33.33
C GLN A 47 14.39 4.83 -32.28
N HIS A 48 14.00 3.99 -31.33
CA HIS A 48 13.10 4.39 -30.25
C HIS A 48 13.68 5.52 -29.38
N PHE A 49 14.98 5.50 -29.14
CA PHE A 49 15.60 6.52 -28.29
C PHE A 49 16.69 7.30 -29.03
N VAL A 50 17.06 6.86 -30.22
CA VAL A 50 18.02 7.61 -31.03
C VAL A 50 17.29 8.55 -31.99
N GLU A 51 17.58 9.85 -31.87
CA GLU A 51 16.98 10.85 -32.73
C GLU A 51 17.71 10.94 -34.07
N LYS A 52 19.02 11.04 -34.00
CA LYS A 52 19.86 11.11 -35.20
C LYS A 52 21.29 10.69 -34.86
N VAL A 53 22.02 10.22 -35.87
CA VAL A 53 23.43 9.89 -35.70
C VAL A 53 24.27 10.71 -36.68
N VAL A 54 25.28 11.38 -36.17
CA VAL A 54 26.11 12.23 -37.01
C VAL A 54 27.53 11.70 -37.12
N PHE A 55 27.91 11.32 -38.33
CA PHE A 55 29.27 10.88 -38.62
C PHE A 55 30.09 12.08 -39.09
N HIS A 56 31.20 12.34 -38.41
CA HIS A 56 32.08 13.44 -38.79
C HIS A 56 33.28 12.92 -39.59
N LEU A 57 33.13 12.88 -40.92
CA LEU A 57 34.19 12.39 -41.79
C LEU A 57 35.40 13.30 -41.79
N HIS A 58 36.50 12.81 -42.35
CA HIS A 58 37.70 13.61 -42.50
C HIS A 58 37.44 14.79 -43.42
N GLU A 59 38.27 15.83 -43.31
CA GLU A 59 38.06 17.07 -44.05
C GLU A 59 38.09 16.88 -45.56
N SER A 60 38.86 15.90 -46.02
CA SER A 60 39.02 15.66 -47.45
C SER A 60 37.70 15.32 -48.12
N PHE A 61 36.88 14.54 -47.44
CA PHE A 61 35.54 14.21 -47.93
C PHE A 61 34.66 15.46 -48.03
N PRO A 62 33.96 15.61 -49.16
CA PRO A 62 32.95 16.67 -49.26
C PRO A 62 31.77 16.37 -48.35
N ARG A 63 31.12 17.39 -47.82
CA ARG A 63 30.08 17.22 -46.82
C ARG A 63 30.58 16.33 -45.69
N PRO A 64 31.67 16.73 -45.02
CA PRO A 64 32.29 15.83 -44.04
C PRO A 64 31.33 15.46 -42.91
N LYS A 65 30.34 16.32 -42.66
CA LYS A 65 29.34 16.09 -41.64
C LYS A 65 28.14 15.36 -42.22
N ARG A 66 28.12 14.03 -42.11
CA ARG A 66 27.02 13.23 -42.63
C ARG A 66 25.99 12.99 -41.52
N VAL A 67 24.72 13.22 -41.83
CA VAL A 67 23.66 13.10 -40.83
C VAL A 67 22.61 12.06 -41.20
N CYS A 68 22.51 11.01 -40.38
CA CYS A 68 21.46 10.01 -40.54
C CYS A 68 20.31 10.33 -39.60
N LYS A 69 19.11 10.40 -40.16
CA LYS A 69 17.92 10.76 -39.38
C LYS A 69 17.12 9.52 -38.99
N ASP A 70 17.23 8.46 -39.79
CA ASP A 70 16.51 7.23 -39.55
C ASP A 70 17.41 6.03 -39.79
N PRO A 71 17.12 4.89 -39.14
CA PRO A 71 17.90 3.68 -39.42
C PRO A 71 17.71 3.21 -40.86
N PRO A 72 18.75 2.61 -41.47
CA PRO A 72 20.05 2.31 -40.85
C PRO A 72 20.96 3.52 -40.72
N TYR A 73 21.71 3.59 -39.62
CA TYR A 73 22.66 4.67 -39.40
C TYR A 73 24.04 4.28 -39.94
N LYS A 74 24.26 4.56 -41.22
CA LYS A 74 25.48 4.14 -41.89
C LYS A 74 26.01 5.16 -42.87
N VAL A 75 27.30 5.07 -43.17
CA VAL A 75 27.92 5.87 -44.21
C VAL A 75 28.80 4.96 -45.07
N GLU A 76 28.61 5.03 -46.38
CA GLU A 76 29.42 4.25 -47.31
C GLU A 76 30.18 5.16 -48.25
N GLU A 77 31.49 4.96 -48.33
CA GLU A 77 32.34 5.82 -49.14
C GLU A 77 33.51 5.06 -49.76
N SER A 78 34.29 5.76 -50.57
CA SER A 78 35.54 5.23 -51.10
C SER A 78 36.67 6.18 -50.73
N GLY A 79 37.84 5.64 -50.44
CA GLY A 79 38.97 6.45 -50.02
C GLY A 79 40.32 5.80 -50.18
N TYR A 80 41.36 6.45 -49.67
CA TYR A 80 42.72 5.98 -49.83
C TYR A 80 43.46 5.80 -48.50
N ALA A 81 42.84 6.22 -47.41
CA ALA A 81 43.47 6.14 -46.11
C ALA A 81 42.45 6.10 -44.98
N GLY A 82 42.87 5.63 -43.81
CA GLY A 82 42.01 5.58 -42.65
C GLY A 82 42.13 6.84 -41.81
N PHE A 83 41.18 7.03 -40.89
CA PHE A 83 41.17 8.23 -40.05
C PHE A 83 40.29 8.05 -38.82
N ILE A 84 40.39 9.00 -37.90
CA ILE A 84 39.53 8.99 -36.72
C ILE A 84 38.19 9.67 -37.05
N LEU A 85 37.09 8.93 -36.89
CA LEU A 85 35.77 9.40 -37.27
C LEU A 85 34.91 9.65 -36.04
N PRO A 86 34.84 10.92 -35.58
CA PRO A 86 33.98 11.26 -34.45
C PRO A 86 32.51 10.99 -34.77
N ILE A 87 31.88 10.10 -34.00
CA ILE A 87 30.48 9.78 -34.17
C ILE A 87 29.67 10.30 -32.99
N GLU A 88 28.62 11.07 -33.28
CA GLU A 88 27.75 11.58 -32.22
C GLU A 88 26.37 10.97 -32.32
N VAL A 89 25.94 10.29 -31.27
CA VAL A 89 24.62 9.69 -31.22
C VAL A 89 23.69 10.54 -30.36
N TYR A 90 22.69 11.13 -30.99
CA TYR A 90 21.76 12.02 -30.30
C TYR A 90 20.56 11.25 -29.74
N PHE A 91 20.17 11.59 -28.51
CA PHE A 91 19.08 10.90 -27.83
C PHE A 91 17.78 11.70 -27.92
N LYS A 92 16.65 11.01 -27.77
CA LYS A 92 15.34 11.64 -27.85
C LYS A 92 14.83 12.12 -26.49
N ASN A 93 15.70 12.77 -25.73
CA ASN A 93 15.30 13.34 -24.44
C ASN A 93 15.40 14.86 -24.46
N LYS A 94 14.79 15.51 -23.48
CA LYS A 94 14.86 16.97 -23.40
C LYS A 94 15.87 17.37 -22.32
N GLU A 95 16.49 16.36 -21.71
CA GLU A 95 17.39 16.60 -20.58
C GLU A 95 18.78 16.05 -20.88
N GLU A 96 19.75 16.46 -20.07
CA GLU A 96 21.12 15.99 -20.24
C GLU A 96 21.23 14.52 -19.84
N PRO A 97 21.97 13.72 -20.64
CA PRO A 97 22.59 14.14 -21.89
C PRO A 97 21.74 13.81 -23.11
N ARG A 98 21.77 14.68 -24.11
CA ARG A 98 21.06 14.43 -25.35
C ARG A 98 21.96 13.81 -26.42
N LYS A 99 23.24 13.64 -26.09
CA LYS A 99 24.17 13.05 -27.04
C LYS A 99 25.35 12.33 -26.35
N VAL A 100 25.92 11.36 -27.05
CA VAL A 100 27.13 10.69 -26.60
C VAL A 100 28.12 10.69 -27.76
N ARG A 101 29.41 10.76 -27.44
CA ARG A 101 30.44 10.85 -28.47
C ARG A 101 31.46 9.72 -28.37
N PHE A 102 31.76 9.12 -29.51
CA PHE A 102 32.84 8.15 -29.60
C PHE A 102 33.83 8.56 -30.70
N ASP A 103 35.11 8.39 -30.43
CA ASP A 103 36.13 8.59 -31.46
C ASP A 103 36.40 7.27 -32.17
N TYR A 104 35.67 6.99 -33.24
CA TYR A 104 35.80 5.71 -33.93
C TYR A 104 37.04 5.68 -34.82
N ASP A 105 37.85 4.65 -34.63
CA ASP A 105 39.03 4.43 -35.46
C ASP A 105 38.64 3.72 -36.75
N LEU A 106 38.39 4.49 -37.81
CA LEU A 106 38.09 3.89 -39.11
C LEU A 106 39.38 3.55 -39.82
N PHE A 107 39.93 2.38 -39.52
CA PHE A 107 41.19 1.95 -40.10
C PHE A 107 40.98 1.06 -41.32
N LEU A 108 41.97 1.09 -42.22
CA LEU A 108 41.97 0.23 -43.38
C LEU A 108 43.13 -0.75 -43.31
N HIS A 109 43.08 -1.80 -44.12
CA HIS A 109 44.19 -2.73 -44.24
C HIS A 109 44.77 -2.65 -45.65
N LEU A 110 46.06 -2.97 -45.76
CA LEU A 110 46.76 -2.88 -47.04
C LEU A 110 46.30 -3.94 -48.04
N GLU A 111 46.64 -3.70 -49.31
CA GLU A 111 46.42 -4.69 -50.36
C GLU A 111 47.30 -5.91 -50.12
N GLY A 112 46.70 -7.09 -50.21
CA GLY A 112 47.40 -8.32 -49.91
C GLY A 112 47.15 -8.74 -48.47
N HIS A 113 46.21 -8.06 -47.84
CA HIS A 113 45.77 -8.38 -46.48
C HIS A 113 44.27 -8.63 -46.50
N PRO A 114 43.73 -9.35 -45.50
CA PRO A 114 42.28 -9.58 -45.52
C PRO A 114 41.51 -8.29 -45.32
N PRO A 115 40.26 -8.23 -45.82
CA PRO A 115 39.44 -7.01 -45.65
C PRO A 115 39.13 -6.75 -44.18
N VAL A 116 38.75 -5.53 -43.87
CA VAL A 116 38.45 -5.16 -42.49
C VAL A 116 36.99 -5.41 -42.16
N ASN A 117 36.78 -6.11 -41.05
CA ASN A 117 35.45 -6.27 -40.47
C ASN A 117 35.58 -6.11 -38.97
N HIS A 118 35.37 -4.90 -38.47
CA HIS A 118 35.58 -4.60 -37.07
C HIS A 118 34.27 -4.28 -36.36
N LEU A 119 34.14 -4.79 -35.14
CA LEU A 119 32.98 -4.48 -34.31
C LEU A 119 33.42 -4.00 -32.94
N ARG A 120 32.79 -2.93 -32.46
CA ARG A 120 33.09 -2.34 -31.17
C ARG A 120 31.81 -2.09 -30.41
N CYS A 121 31.67 -2.70 -29.24
CA CYS A 121 30.44 -2.57 -28.47
C CYS A 121 30.59 -1.58 -27.33
N GLU A 122 29.57 -0.74 -27.14
CA GLU A 122 29.60 0.28 -26.10
C GLU A 122 28.37 0.21 -25.18
N LYS A 123 28.64 0.24 -23.89
CA LYS A 123 27.59 0.20 -22.89
C LYS A 123 27.23 1.62 -22.44
N LEU A 124 25.96 1.98 -22.54
CA LEU A 124 25.52 3.30 -22.11
C LEU A 124 24.69 3.22 -20.84
N THR A 125 25.05 4.02 -19.85
CA THR A 125 24.31 4.04 -18.59
C THR A 125 23.67 5.40 -18.36
N PHE A 126 22.34 5.42 -18.36
CA PHE A 126 21.58 6.62 -18.04
C PHE A 126 21.12 6.59 -16.59
N ASN A 127 21.46 7.62 -15.83
CA ASN A 127 21.11 7.69 -14.42
C ASN A 127 19.90 8.57 -14.15
N ASN A 128 18.86 7.97 -13.58
CA ASN A 128 17.62 8.67 -13.24
C ASN A 128 17.04 9.50 -14.38
N PRO A 129 16.69 8.86 -15.51
CA PRO A 129 16.07 9.63 -16.59
C PRO A 129 14.60 9.87 -16.34
N THR A 130 13.99 10.79 -17.09
CA THR A 130 12.55 10.98 -17.03
C THR A 130 11.89 9.70 -17.50
N GLU A 131 10.72 9.38 -16.96
CA GLU A 131 10.08 8.11 -17.27
C GLU A 131 9.56 8.05 -18.71
N ASP A 132 9.38 9.20 -19.33
CA ASP A 132 8.97 9.23 -20.73
C ASP A 132 10.12 8.79 -21.62
N PHE A 133 11.29 9.38 -21.40
CA PHE A 133 12.49 9.00 -22.13
C PHE A 133 12.92 7.57 -21.78
N ARG A 134 12.61 7.17 -20.55
CA ARG A 134 12.99 5.85 -20.06
C ARG A 134 12.30 4.71 -20.79
N ARG A 135 11.03 4.92 -21.15
CA ARG A 135 10.25 3.88 -21.83
C ARG A 135 10.82 3.56 -23.21
N LYS A 136 11.31 4.60 -23.90
CA LYS A 136 11.92 4.43 -25.21
C LYS A 136 13.19 3.59 -25.09
N LEU A 137 13.97 3.89 -24.06
CA LEU A 137 15.20 3.15 -23.77
C LEU A 137 14.89 1.67 -23.55
N LEU A 138 13.71 1.39 -22.97
CA LEU A 138 13.30 0.03 -22.69
C LEU A 138 12.55 -0.60 -23.86
N LYS A 139 12.10 0.22 -24.81
CA LYS A 139 11.44 -0.30 -25.99
C LYS A 139 12.43 -0.97 -26.93
N ALA A 140 13.71 -0.68 -26.73
CA ALA A 140 14.77 -1.26 -27.53
C ALA A 140 15.11 -2.68 -27.06
N MET B 3 16.52 -5.53 -25.47
CA MET B 3 17.68 -5.92 -24.67
C MET B 3 18.94 -5.25 -25.19
N ALA B 4 19.41 -4.22 -24.49
CA ALA B 4 18.76 -3.73 -23.28
C ALA B 4 18.23 -2.30 -23.50
N SER B 5 17.09 -1.89 -22.92
CA SER B 5 16.16 -2.65 -22.06
C SER B 5 16.76 -3.23 -20.76
N SER B 6 17.02 -2.35 -19.79
CA SER B 6 17.42 -2.77 -18.45
C SER B 6 17.31 -1.62 -17.46
N CYS B 7 16.34 -1.68 -16.55
CA CYS B 7 16.30 -0.72 -15.46
C CYS B 7 16.58 -1.41 -14.14
N ALA B 8 17.53 -0.86 -13.40
CA ALA B 8 17.89 -1.38 -12.08
C ALA B 8 17.62 -0.32 -11.03
N VAL B 9 16.55 -0.52 -10.25
CA VAL B 9 16.15 0.44 -9.24
C VAL B 9 16.68 0.04 -7.87
N GLN B 10 17.34 0.97 -7.19
CA GLN B 10 17.93 0.70 -5.89
C GLN B 10 17.34 1.55 -4.79
N VAL B 11 16.91 0.92 -3.71
CA VAL B 11 16.51 1.63 -2.50
C VAL B 11 17.34 1.12 -1.32
N LYS B 12 17.58 1.99 -0.35
CA LYS B 12 18.37 1.61 0.82
C LYS B 12 17.50 1.51 2.06
N LEU B 13 17.77 0.49 2.87
CA LEU B 13 17.04 0.28 4.12
C LEU B 13 17.98 0.27 5.31
N GLU B 14 17.48 0.72 6.45
CA GLU B 14 18.27 0.67 7.67
C GLU B 14 17.57 -0.20 8.70
N LEU B 15 18.18 -1.32 9.02
CA LEU B 15 17.69 -2.21 10.06
C LEU B 15 18.51 -2.00 11.33
N GLY B 16 17.84 -1.83 12.46
CA GLY B 16 18.53 -1.59 13.70
C GLY B 16 17.69 -1.88 14.92
N HIS B 17 18.35 -1.90 16.08
CA HIS B 17 17.63 -2.11 17.33
C HIS B 17 18.35 -1.47 18.51
N ARG B 18 17.56 -1.00 19.46
CA ARG B 18 18.08 -0.57 20.75
C ARG B 18 17.69 -1.61 21.80
N ALA B 19 18.62 -1.93 22.68
CA ALA B 19 18.33 -2.86 23.77
C ALA B 19 18.79 -2.25 25.07
N GLN B 20 17.86 -1.60 25.77
CA GLN B 20 18.16 -0.95 27.03
C GLN B 20 17.93 -1.90 28.20
N VAL B 21 18.92 -2.00 29.08
CA VAL B 21 18.79 -2.84 30.25
C VAL B 21 17.86 -2.14 31.24
N ARG B 22 17.10 -2.93 31.98
CA ARG B 22 16.17 -2.35 32.95
C ARG B 22 16.47 -2.90 34.34
N LYS B 23 16.80 -1.99 35.25
CA LYS B 23 16.90 -2.33 36.65
C LYS B 23 15.98 -1.41 37.43
N LYS B 24 15.05 -1.99 38.18
CA LYS B 24 15.02 -3.42 38.45
C LYS B 24 14.21 -4.21 37.40
N PRO B 25 14.43 -5.54 37.33
CA PRO B 25 13.65 -6.39 36.41
C PRO B 25 12.16 -6.36 36.70
N THR B 26 11.37 -6.90 35.77
CA THR B 26 9.92 -6.80 35.87
C THR B 26 9.33 -7.93 36.70
N VAL B 27 8.00 -7.94 36.81
CA VAL B 27 7.26 -9.00 37.49
C VAL B 27 7.60 -10.34 36.87
N GLU B 28 7.68 -10.36 35.54
CA GLU B 28 7.88 -11.58 34.79
C GLU B 28 9.34 -11.98 34.66
N GLY B 29 10.24 -11.15 35.19
CA GLY B 29 11.67 -11.44 35.16
C GLY B 29 12.38 -10.89 33.95
N PHE B 30 11.81 -9.85 33.34
CA PHE B 30 12.39 -9.25 32.16
C PHE B 30 13.49 -8.26 32.54
N THR B 31 14.74 -8.67 32.36
CA THR B 31 15.87 -7.81 32.71
C THR B 31 15.95 -6.62 31.79
N HIS B 32 15.75 -6.86 30.49
CA HIS B 32 15.86 -5.81 29.49
C HIS B 32 14.52 -5.34 28.96
N ASP B 33 14.57 -4.29 28.16
CA ASP B 33 13.46 -3.88 27.30
C ASP B 33 14.06 -3.25 26.05
N TRP B 34 13.66 -3.77 24.89
CA TRP B 34 14.29 -3.39 23.63
C TRP B 34 13.31 -2.84 22.59
N MET B 35 13.85 -2.36 21.48
CA MET B 35 13.05 -1.87 20.37
C MET B 35 13.80 -2.18 19.08
N VAL B 36 13.10 -2.79 18.13
CA VAL B 36 13.69 -3.15 16.84
C VAL B 36 12.92 -2.46 15.73
N PHE B 37 13.60 -2.02 14.68
CA PHE B 37 12.95 -1.21 13.66
C PHE B 37 13.51 -1.41 12.25
N VAL B 38 12.70 -1.04 11.27
CA VAL B 38 13.12 -0.97 9.88
C VAL B 38 12.71 0.37 9.31
N ARG B 39 13.69 1.16 8.89
CA ARG B 39 13.43 2.48 8.34
C ARG B 39 14.40 2.79 7.22
N GLY B 40 14.15 3.90 6.53
CA GLY B 40 15.03 4.34 5.47
C GLY B 40 16.03 5.35 5.99
N PRO B 41 17.24 5.36 5.43
CA PRO B 41 18.26 6.34 5.81
C PRO B 41 17.81 7.76 5.50
N GLU B 42 18.48 8.75 6.09
CA GLU B 42 18.17 10.18 5.94
C GLU B 42 16.66 10.49 6.00
N HIS B 43 15.94 9.71 6.81
CA HIS B 43 14.51 9.90 7.03
C HIS B 43 13.70 9.89 5.74
N SER B 44 13.89 8.85 4.94
CA SER B 44 13.15 8.71 3.69
C SER B 44 11.87 7.92 3.93
N ASN B 45 10.77 8.38 3.34
CA ASN B 45 9.48 7.74 3.52
C ASN B 45 9.37 6.46 2.71
N ILE B 46 9.73 5.34 3.33
CA ILE B 46 9.63 4.04 2.66
C ILE B 46 8.19 3.58 2.60
N GLN B 47 7.30 4.39 3.16
CA GLN B 47 5.86 4.17 3.13
C GLN B 47 5.35 4.07 1.70
N HIS B 48 6.11 4.63 0.77
CA HIS B 48 5.73 4.65 -0.64
C HIS B 48 5.83 3.29 -1.32
N PHE B 49 6.89 2.53 -1.03
CA PHE B 49 7.08 1.25 -1.68
C PHE B 49 6.92 0.07 -0.73
N VAL B 50 6.80 0.35 0.56
CA VAL B 50 6.55 -0.69 1.55
C VAL B 50 5.07 -0.73 1.96
N GLU B 51 4.44 -1.89 1.77
CA GLU B 51 3.06 -2.06 2.19
C GLU B 51 3.01 -2.35 3.68
N LYS B 52 3.84 -3.29 4.12
CA LYS B 52 3.90 -3.69 5.52
C LYS B 52 5.23 -4.35 5.84
N VAL B 53 5.63 -4.25 7.10
CA VAL B 53 6.81 -4.95 7.60
C VAL B 53 6.40 -5.91 8.72
N VAL B 54 6.84 -7.16 8.62
CA VAL B 54 6.44 -8.16 9.60
C VAL B 54 7.63 -8.67 10.42
N PHE B 55 7.60 -8.40 11.72
CA PHE B 55 8.63 -8.86 12.63
C PHE B 55 8.24 -10.21 13.22
N HIS B 56 9.13 -11.19 13.08
CA HIS B 56 8.88 -12.53 13.60
C HIS B 56 9.64 -12.76 14.89
N LEU B 57 8.99 -12.52 16.01
CA LEU B 57 9.62 -12.66 17.32
C LEU B 57 9.73 -14.13 17.70
N HIS B 58 10.44 -14.39 18.79
CA HIS B 58 10.57 -15.74 19.29
C HIS B 58 9.20 -16.24 19.75
N GLU B 59 9.04 -17.56 19.84
CA GLU B 59 7.75 -18.17 20.14
C GLU B 59 7.22 -17.81 21.53
N SER B 60 8.13 -17.42 22.41
CA SER B 60 7.78 -17.12 23.81
C SER B 60 6.77 -15.97 23.91
N PHE B 61 6.85 -15.04 22.98
CA PHE B 61 5.95 -13.88 22.96
C PHE B 61 4.54 -14.25 22.53
N PRO B 62 3.53 -13.60 23.15
CA PRO B 62 2.16 -13.72 22.65
C PRO B 62 2.03 -12.98 21.33
N ARG B 63 1.31 -13.56 20.38
CA ARG B 63 1.24 -13.04 19.02
C ARG B 63 2.64 -12.81 18.48
N PRO B 64 3.45 -13.89 18.38
CA PRO B 64 4.86 -13.74 17.97
C PRO B 64 4.96 -12.99 16.67
N LYS B 65 4.08 -13.34 15.74
CA LYS B 65 3.94 -12.64 14.48
C LYS B 65 3.40 -11.24 14.72
N ARG B 66 4.27 -10.24 14.61
CA ARG B 66 3.87 -8.85 14.80
C ARG B 66 3.93 -8.10 13.48
N VAL B 67 2.84 -7.43 13.12
CA VAL B 67 2.73 -6.78 11.83
C VAL B 67 2.59 -5.27 11.91
N CYS B 68 3.58 -4.56 11.40
CA CYS B 68 3.49 -3.11 11.22
C CYS B 68 3.11 -2.81 9.77
N LYS B 69 1.96 -2.16 9.60
CA LYS B 69 1.42 -1.87 8.28
C LYS B 69 1.49 -0.36 8.03
N ASP B 70 1.78 0.37 9.10
CA ASP B 70 1.96 1.82 9.04
C ASP B 70 3.29 2.24 9.66
N PRO B 71 3.85 3.36 9.20
CA PRO B 71 5.06 3.91 9.84
C PRO B 71 4.75 4.49 11.21
N PRO B 72 5.67 4.35 12.17
CA PRO B 72 6.98 3.70 12.01
C PRO B 72 6.90 2.18 12.05
N TYR B 73 7.84 1.53 11.38
CA TYR B 73 7.91 0.07 11.37
C TYR B 73 8.80 -0.40 12.51
N LYS B 74 8.24 -0.40 13.71
CA LYS B 74 9.01 -0.70 14.91
C LYS B 74 8.24 -1.62 15.86
N VAL B 75 9.00 -2.40 16.64
CA VAL B 75 8.41 -3.21 17.71
C VAL B 75 9.14 -2.96 19.01
N GLU B 76 8.43 -2.44 20.00
CA GLU B 76 8.98 -2.24 21.34
C GLU B 76 8.51 -3.33 22.28
N GLU B 77 9.44 -3.92 23.02
CA GLU B 77 9.09 -4.99 23.94
C GLU B 77 10.16 -5.19 25.01
N SER B 78 9.80 -5.91 26.06
CA SER B 78 10.74 -6.29 27.10
C SER B 78 10.96 -7.79 27.08
N GLY B 79 12.19 -8.23 27.30
CA GLY B 79 12.50 -9.65 27.29
C GLY B 79 13.69 -10.01 28.16
N TYR B 80 14.01 -11.29 28.20
CA TYR B 80 15.12 -11.77 29.04
C TYR B 80 16.30 -12.26 28.20
N ALA B 81 16.08 -12.47 26.92
CA ALA B 81 17.12 -13.06 26.08
C ALA B 81 17.12 -12.53 24.64
N GLY B 82 18.23 -12.74 23.95
CA GLY B 82 18.36 -12.35 22.57
C GLY B 82 18.04 -13.50 21.63
N PHE B 83 17.71 -13.17 20.38
CA PHE B 83 17.33 -14.18 19.39
C PHE B 83 17.45 -13.66 17.96
N ILE B 84 17.62 -14.58 17.01
CA ILE B 84 17.58 -14.22 15.60
C ILE B 84 16.15 -13.90 15.21
N LEU B 85 15.94 -12.70 14.67
CA LEU B 85 14.60 -12.18 14.43
C LEU B 85 14.34 -12.00 12.92
N PRO B 86 13.59 -12.92 12.32
CA PRO B 86 13.24 -12.85 10.89
C PRO B 86 12.33 -11.66 10.58
N ILE B 87 12.81 -10.76 9.74
CA ILE B 87 11.99 -9.62 9.33
C ILE B 87 11.64 -9.75 7.85
N GLU B 88 10.37 -9.56 7.53
CA GLU B 88 9.90 -9.62 6.16
C GLU B 88 9.33 -8.28 5.72
N VAL B 89 9.93 -7.70 4.69
CA VAL B 89 9.46 -6.44 4.13
C VAL B 89 8.62 -6.68 2.88
N TYR B 90 7.33 -6.33 2.96
CA TYR B 90 6.43 -6.50 1.82
C TYR B 90 6.35 -5.21 1.02
N PHE B 91 6.43 -5.32 -0.30
CA PHE B 91 6.39 -4.15 -1.16
C PHE B 91 5.04 -3.99 -1.84
N LYS B 92 4.73 -2.77 -2.24
CA LYS B 92 3.51 -2.48 -2.98
C LYS B 92 3.65 -2.86 -4.45
N ASN B 93 4.16 -4.06 -4.71
CA ASN B 93 4.29 -4.54 -6.07
C ASN B 93 3.29 -5.64 -6.37
N LYS B 94 2.97 -5.80 -7.64
CA LYS B 94 2.03 -6.83 -8.06
C LYS B 94 2.80 -7.98 -8.73
N GLU B 95 4.13 -7.91 -8.60
CA GLU B 95 5.00 -8.81 -9.34
C GLU B 95 6.17 -9.26 -8.46
N GLU B 96 6.76 -10.40 -8.80
CA GLU B 96 7.92 -10.92 -8.07
C GLU B 96 9.09 -9.96 -8.13
N PRO B 97 9.78 -9.76 -7.01
CA PRO B 97 9.48 -10.36 -5.71
C PRO B 97 8.45 -9.55 -4.90
N ARG B 98 7.58 -10.26 -4.21
CA ARG B 98 6.56 -9.61 -3.38
C ARG B 98 7.11 -9.26 -2.00
N LYS B 99 8.25 -9.86 -1.65
CA LYS B 99 8.76 -9.77 -0.29
C LYS B 99 10.26 -10.08 -0.20
N VAL B 100 10.94 -9.40 0.72
CA VAL B 100 12.33 -9.71 1.05
C VAL B 100 12.43 -10.09 2.53
N ARG B 101 13.35 -10.99 2.85
CA ARG B 101 13.49 -11.49 4.22
C ARG B 101 14.93 -11.39 4.73
N PHE B 102 15.10 -10.75 5.88
CA PHE B 102 16.40 -10.67 6.54
C PHE B 102 16.37 -11.45 7.85
N ASP B 103 17.49 -12.06 8.21
CA ASP B 103 17.61 -12.68 9.52
C ASP B 103 18.31 -11.74 10.48
N TYR B 104 17.54 -10.95 11.22
CA TYR B 104 18.11 -9.93 12.09
C TYR B 104 18.52 -10.50 13.44
N ASP B 105 19.73 -10.14 13.87
CA ASP B 105 20.28 -10.58 15.14
C ASP B 105 19.97 -9.57 16.24
N LEU B 106 18.97 -9.88 17.07
CA LEU B 106 18.61 -9.01 18.18
C LEU B 106 19.40 -9.40 19.43
N PHE B 107 20.58 -8.80 19.60
CA PHE B 107 21.43 -9.15 20.74
C PHE B 107 21.41 -8.09 21.83
N LEU B 108 21.79 -8.51 23.03
CA LEU B 108 21.79 -7.63 24.19
C LEU B 108 23.13 -7.71 24.92
N HIS B 109 23.46 -6.65 25.65
CA HIS B 109 24.66 -6.65 26.49
C HIS B 109 24.25 -6.74 27.96
N LEU B 110 25.16 -7.24 28.78
CA LEU B 110 24.91 -7.33 30.21
C LEU B 110 25.01 -5.94 30.85
N GLU B 111 24.61 -5.83 32.11
CA GLU B 111 24.90 -4.62 32.87
C GLU B 111 26.40 -4.56 33.08
N GLY B 112 26.96 -3.36 33.07
CA GLY B 112 28.41 -3.22 33.15
C GLY B 112 29.03 -3.22 31.76
N HIS B 113 28.18 -3.38 30.75
CA HIS B 113 28.58 -3.22 29.36
C HIS B 113 27.63 -2.21 28.71
N PRO B 114 28.18 -1.32 27.85
CA PRO B 114 27.41 -0.24 27.22
C PRO B 114 26.11 -0.70 26.55
N PRO B 115 25.11 0.18 26.50
CA PRO B 115 23.80 -0.12 25.91
C PRO B 115 23.90 -0.47 24.43
N VAL B 116 22.84 -1.06 23.89
CA VAL B 116 22.81 -1.41 22.47
C VAL B 116 22.22 -0.28 21.63
N ASN B 117 22.98 0.16 20.64
CA ASN B 117 22.48 1.09 19.63
C ASN B 117 23.07 0.68 18.29
N HIS B 118 22.52 -0.37 17.72
CA HIS B 118 23.10 -1.01 16.54
C HIS B 118 22.35 -0.64 15.26
N LEU B 119 23.11 -0.50 14.18
CA LEU B 119 22.53 -0.21 12.87
C LEU B 119 23.11 -1.12 11.80
N ARG B 120 22.27 -1.48 10.84
CA ARG B 120 22.67 -2.39 9.77
C ARG B 120 22.18 -1.89 8.42
N CYS B 121 23.08 -1.89 7.43
CA CYS B 121 22.75 -1.41 6.09
C CYS B 121 22.27 -2.55 5.19
N GLU B 122 21.18 -2.32 4.47
CA GLU B 122 20.70 -3.27 3.49
C GLU B 122 20.27 -2.57 2.21
N LYS B 123 20.87 -2.98 1.10
CA LYS B 123 20.55 -2.42 -0.20
C LYS B 123 19.65 -3.35 -1.00
N LEU B 124 18.60 -2.79 -1.60
CA LEU B 124 17.67 -3.58 -2.40
C LEU B 124 17.67 -3.12 -3.85
N THR B 125 17.91 -4.08 -4.76
CA THR B 125 17.91 -3.78 -6.19
C THR B 125 16.80 -4.52 -6.92
N PHE B 126 15.90 -3.77 -7.54
CA PHE B 126 14.82 -4.35 -8.32
C PHE B 126 15.14 -4.27 -9.81
N ASN B 127 15.22 -5.43 -10.46
CA ASN B 127 15.52 -5.47 -11.90
C ASN B 127 14.26 -5.41 -12.74
N ASN B 128 14.18 -4.39 -13.60
CA ASN B 128 13.04 -4.21 -14.49
C ASN B 128 11.69 -4.19 -13.77
N PRO B 129 11.46 -3.20 -12.88
CA PRO B 129 10.12 -3.11 -12.30
C PRO B 129 9.15 -2.54 -13.31
N THR B 130 7.85 -2.55 -13.00
CA THR B 130 6.87 -1.95 -13.88
C THR B 130 7.01 -0.42 -13.85
N GLU B 131 6.21 0.27 -14.66
CA GLU B 131 6.18 1.73 -14.60
C GLU B 131 5.57 2.14 -13.27
N ASP B 132 4.47 1.49 -12.92
CA ASP B 132 3.94 1.57 -11.57
C ASP B 132 4.97 0.92 -10.66
N PHE B 133 4.86 1.16 -9.35
CA PHE B 133 5.82 0.68 -8.36
C PHE B 133 7.14 1.44 -8.44
N ARG B 134 7.72 1.58 -9.63
CA ARG B 134 8.96 2.36 -9.78
C ARG B 134 8.72 3.81 -9.42
N ARG B 135 7.54 4.30 -9.76
CA ARG B 135 7.16 5.67 -9.47
C ARG B 135 7.10 5.87 -7.95
N LYS B 136 6.86 4.79 -7.22
CA LYS B 136 6.86 4.81 -5.76
C LYS B 136 8.29 4.80 -5.20
N LEU B 137 9.11 3.90 -5.74
CA LEU B 137 10.47 3.68 -5.24
C LEU B 137 11.34 4.94 -5.33
N LEU B 138 11.16 5.73 -6.38
CA LEU B 138 11.96 6.94 -6.57
C LEU B 138 11.41 8.11 -5.75
N LYS B 139 10.12 8.06 -5.43
CA LYS B 139 9.51 9.05 -4.57
C LYS B 139 9.90 8.75 -3.12
N ALA B 140 10.35 7.52 -2.88
CA ALA B 140 10.84 7.11 -1.57
C ALA B 140 12.30 7.51 -1.40
N MET C 3 44.39 -8.54 -20.94
CA MET C 3 43.46 -7.55 -21.45
C MET C 3 43.22 -7.78 -22.95
N ALA C 4 41.96 -7.71 -23.39
CA ALA C 4 40.86 -7.26 -22.54
C ALA C 4 40.18 -8.38 -21.76
N SER C 5 40.52 -8.47 -20.49
CA SER C 5 39.78 -9.21 -19.48
C SER C 5 39.94 -8.41 -18.21
N SER C 6 39.11 -8.67 -17.20
CA SER C 6 39.14 -7.86 -16.02
C SER C 6 38.55 -8.53 -14.80
N CYS C 7 39.27 -8.44 -13.70
CA CYS C 7 38.73 -8.79 -12.39
C CYS C 7 38.37 -7.51 -11.68
N ALA C 8 37.18 -7.50 -11.08
CA ALA C 8 36.74 -6.36 -10.28
C ALA C 8 36.31 -6.84 -8.90
N VAL C 9 37.19 -6.69 -7.92
CA VAL C 9 36.88 -7.14 -6.57
C VAL C 9 36.23 -6.02 -5.76
N GLN C 10 35.07 -6.33 -5.20
CA GLN C 10 34.34 -5.36 -4.39
C GLN C 10 34.28 -5.76 -2.92
N VAL C 11 34.62 -4.82 -2.04
CA VAL C 11 34.46 -5.04 -0.62
C VAL C 11 33.56 -3.96 -0.03
N LYS C 12 32.92 -4.25 1.10
CA LYS C 12 32.05 -3.29 1.76
C LYS C 12 32.68 -2.81 3.05
N LEU C 13 32.66 -1.50 3.27
CA LEU C 13 33.15 -0.91 4.51
C LEU C 13 32.03 -0.14 5.20
N GLU C 14 32.17 0.01 6.52
CA GLU C 14 31.19 0.75 7.30
C GLU C 14 31.86 1.73 8.25
N LEU C 15 31.50 3.01 8.11
CA LEU C 15 32.01 4.07 8.97
C LEU C 15 30.82 4.66 9.73
N GLY C 16 31.00 4.91 11.03
CA GLY C 16 29.90 5.44 11.82
C GLY C 16 30.36 5.99 13.16
N HIS C 17 29.44 6.65 13.87
CA HIS C 17 29.80 7.23 15.16
C HIS C 17 28.61 7.36 16.10
N ARG C 18 28.89 7.27 17.39
CA ARG C 18 27.93 7.55 18.45
C ARG C 18 28.29 8.87 19.11
N ALA C 19 27.29 9.60 19.59
CA ALA C 19 27.54 10.87 20.25
C ALA C 19 26.48 11.17 21.30
N GLN C 20 26.85 10.96 22.56
CA GLN C 20 25.95 11.25 23.68
C GLN C 20 26.38 12.49 24.44
N VAL C 21 25.42 13.10 25.15
CA VAL C 21 25.75 14.11 26.12
C VAL C 21 26.02 13.39 27.44
N ARG C 22 27.04 13.83 28.17
CA ARG C 22 27.36 13.20 29.46
C ARG C 22 26.28 13.57 30.46
N LYS C 23 26.33 12.97 31.64
CA LYS C 23 25.44 13.35 32.72
C LYS C 23 25.74 14.79 33.08
N LYS C 24 27.02 15.05 33.31
CA LYS C 24 27.53 16.40 33.52
C LYS C 24 28.94 16.52 32.92
N PRO C 25 29.26 17.71 32.38
CA PRO C 25 30.53 18.02 31.69
C PRO C 25 31.76 17.62 32.48
N THR C 26 32.87 17.36 31.78
CA THR C 26 34.13 16.99 32.41
C THR C 26 34.75 18.13 33.20
N VAL C 27 35.96 17.89 33.67
CA VAL C 27 36.75 18.89 34.36
C VAL C 27 37.00 20.07 33.43
N GLU C 28 37.19 19.77 32.16
CA GLU C 28 37.41 20.80 31.15
C GLU C 28 36.07 21.26 30.56
N GLY C 29 34.99 20.69 31.08
CA GLY C 29 33.65 21.07 30.66
C GLY C 29 33.29 20.53 29.29
N PHE C 30 33.70 19.29 29.03
CA PHE C 30 33.36 18.61 27.79
C PHE C 30 31.91 18.12 27.84
N THR C 31 31.09 18.64 26.94
CA THR C 31 29.64 18.37 26.99
C THR C 31 29.26 17.01 26.44
N HIS C 32 30.01 16.54 25.46
CA HIS C 32 29.64 15.31 24.77
C HIS C 32 30.65 14.19 24.93
N ASP C 33 30.16 12.95 24.79
CA ASP C 33 31.01 11.78 24.62
C ASP C 33 30.76 11.20 23.24
N TRP C 34 31.82 10.93 22.48
CA TRP C 34 31.63 10.29 21.18
C TRP C 34 32.64 9.19 20.87
N MET C 35 32.25 8.33 19.95
CA MET C 35 33.08 7.22 19.47
C MET C 35 32.84 7.02 17.96
N VAL C 36 33.91 7.04 17.18
CA VAL C 36 33.78 6.82 15.73
C VAL C 36 34.52 5.55 15.34
N PHE C 37 34.03 4.84 14.32
CA PHE C 37 34.58 3.54 13.98
C PHE C 37 34.62 3.24 12.48
N VAL C 38 35.49 2.30 12.12
CA VAL C 38 35.49 1.71 10.79
C VAL C 38 35.43 0.21 10.94
N ARG C 39 34.38 -0.40 10.39
CA ARG C 39 34.17 -1.82 10.54
C ARG C 39 33.70 -2.47 9.25
N GLY C 40 33.83 -3.78 9.18
CA GLY C 40 33.27 -4.53 8.08
C GLY C 40 31.83 -4.86 8.41
N PRO C 41 31.07 -5.33 7.41
CA PRO C 41 29.70 -5.77 7.69
C PRO C 41 29.70 -7.13 8.37
N GLU C 42 28.58 -7.51 8.99
CA GLU C 42 28.50 -8.79 9.67
C GLU C 42 28.57 -9.93 8.65
N HIS C 43 29.52 -10.86 8.84
CA HIS C 43 30.48 -10.82 9.94
C HIS C 43 31.85 -10.37 9.45
N SER C 44 32.21 -10.74 8.24
CA SER C 44 33.45 -10.30 7.60
C SER C 44 34.70 -10.57 8.44
N ASN C 45 35.44 -9.49 8.72
CA ASN C 45 36.79 -9.42 9.32
C ASN C 45 37.72 -8.78 8.30
N ILE C 46 37.75 -7.45 8.26
CA ILE C 46 38.56 -6.73 7.27
C ILE C 46 40.04 -6.78 7.59
N GLN C 47 40.36 -7.42 8.72
CA GLN C 47 41.74 -7.59 9.18
C GLN C 47 42.62 -8.26 8.14
N HIS C 48 41.99 -9.05 7.26
CA HIS C 48 42.71 -9.78 6.22
C HIS C 48 43.36 -8.87 5.18
N PHE C 49 42.70 -7.75 4.84
CA PHE C 49 43.23 -6.87 3.81
C PHE C 49 43.53 -5.46 4.33
N VAL C 50 42.99 -5.11 5.48
CA VAL C 50 43.26 -3.80 6.08
C VAL C 50 44.52 -3.84 6.94
N GLU C 51 45.48 -2.98 6.62
CA GLU C 51 46.73 -2.88 7.37
C GLU C 51 46.56 -1.99 8.60
N LYS C 52 46.03 -0.78 8.37
CA LYS C 52 45.81 0.17 9.44
C LYS C 52 44.78 1.22 9.03
N VAL C 53 44.08 1.75 10.02
CA VAL C 53 43.13 2.85 9.80
C VAL C 53 43.59 4.08 10.57
N VAL C 54 43.62 5.23 9.89
CA VAL C 54 44.10 6.46 10.50
C VAL C 54 42.99 7.49 10.65
N PHE C 55 42.69 7.84 11.89
CA PHE C 55 41.71 8.89 12.20
C PHE C 55 42.42 10.23 12.37
N HIS C 56 41.96 11.23 11.64
CA HIS C 56 42.55 12.56 11.74
C HIS C 56 41.62 13.49 12.52
N LEU C 57 41.79 13.53 13.84
CA LEU C 57 40.95 14.36 14.69
C LEU C 57 41.30 15.84 14.53
N HIS C 58 40.47 16.70 15.10
CA HIS C 58 40.69 18.14 15.03
C HIS C 58 41.99 18.52 15.75
N GLU C 59 42.54 19.67 15.41
CA GLU C 59 43.83 20.09 15.97
C GLU C 59 43.74 20.35 17.47
N SER C 60 42.53 20.58 17.95
CA SER C 60 42.29 20.86 19.36
C SER C 60 42.38 19.60 20.22
N PHE C 61 42.80 18.49 19.63
CA PHE C 61 42.99 17.24 20.35
C PHE C 61 44.47 16.93 20.57
N PRO C 62 44.81 16.37 21.74
CA PRO C 62 46.15 15.85 21.96
C PRO C 62 46.38 14.57 21.14
N ARG C 63 47.52 14.49 20.46
CA ARG C 63 47.80 13.40 19.52
C ARG C 63 46.63 13.22 18.54
N PRO C 64 46.33 14.27 17.75
CA PRO C 64 45.13 14.26 16.90
C PRO C 64 45.14 13.15 15.85
N LYS C 65 46.32 12.65 15.51
CA LYS C 65 46.45 11.56 14.56
C LYS C 65 46.43 10.22 15.28
N ARG C 66 45.24 9.63 15.38
CA ARG C 66 45.08 8.34 16.04
C ARG C 66 45.17 7.21 15.03
N VAL C 67 46.04 6.23 15.30
CA VAL C 67 46.27 5.14 14.36
C VAL C 67 45.94 3.76 14.95
N CYS C 68 44.92 3.12 14.39
CA CYS C 68 44.58 1.75 14.77
C CYS C 68 45.07 0.79 13.69
N LYS C 69 45.95 -0.14 14.06
CA LYS C 69 46.49 -1.12 13.13
C LYS C 69 45.96 -2.51 13.43
N ASP C 70 45.07 -2.57 14.42
CA ASP C 70 44.39 -3.81 14.78
C ASP C 70 42.94 -3.50 15.17
N PRO C 71 42.02 -4.40 14.80
CA PRO C 71 40.61 -4.23 15.17
C PRO C 71 40.44 -4.29 16.69
N PRO C 72 39.48 -3.54 17.24
CA PRO C 72 38.56 -2.67 16.52
C PRO C 72 39.18 -1.34 16.08
N TYR C 73 38.80 -0.87 14.89
CA TYR C 73 39.27 0.40 14.38
C TYR C 73 38.36 1.53 14.85
N LYS C 74 38.70 2.10 16.01
CA LYS C 74 37.84 3.07 16.67
C LYS C 74 38.66 4.05 17.50
N VAL C 75 38.09 5.22 17.77
CA VAL C 75 38.67 6.13 18.75
C VAL C 75 37.57 6.61 19.68
N GLU C 76 37.82 6.55 20.98
CA GLU C 76 36.87 6.99 21.98
C GLU C 76 37.32 8.32 22.58
N GLU C 77 36.46 9.32 22.52
CA GLU C 77 36.83 10.65 23.01
C GLU C 77 35.68 11.44 23.59
N SER C 78 36.03 12.57 24.21
CA SER C 78 35.07 13.52 24.73
C SER C 78 35.38 14.89 24.17
N GLY C 79 34.34 15.65 23.80
CA GLY C 79 34.53 16.95 23.18
C GLY C 79 33.32 17.85 23.33
N TYR C 80 33.42 19.06 22.79
CA TYR C 80 32.34 20.03 22.91
C TYR C 80 31.64 20.29 21.58
N ALA C 81 32.30 19.96 20.48
CA ALA C 81 31.75 20.27 19.17
C ALA C 81 32.02 19.15 18.16
N GLY C 82 31.26 19.17 17.06
CA GLY C 82 31.46 18.23 15.98
C GLY C 82 32.40 18.80 14.94
N PHE C 83 32.82 17.97 14.00
CA PHE C 83 33.78 18.39 12.98
C PHE C 83 33.89 17.37 11.86
N ILE C 84 34.58 17.76 10.79
CA ILE C 84 34.90 16.84 9.71
C ILE C 84 36.13 16.03 10.08
N LEU C 85 35.99 14.71 10.02
CA LEU C 85 37.06 13.81 10.43
C LEU C 85 37.56 12.97 9.26
N PRO C 86 38.70 13.37 8.67
CA PRO C 86 39.35 12.60 7.61
C PRO C 86 39.79 11.23 8.12
N ILE C 87 39.33 10.18 7.45
CA ILE C 87 39.71 8.82 7.83
C ILE C 87 40.44 8.15 6.68
N GLU C 88 41.60 7.55 6.97
CA GLU C 88 42.39 6.87 5.95
C GLU C 88 42.50 5.37 6.23
N VAL C 89 42.05 4.58 5.26
CA VAL C 89 42.15 3.13 5.38
C VAL C 89 43.28 2.60 4.48
N TYR C 90 44.33 2.08 5.11
CA TYR C 90 45.46 1.52 4.36
C TYR C 90 45.28 0.02 4.16
N PHE C 91 45.57 -0.46 2.96
CA PHE C 91 45.41 -1.87 2.64
C PHE C 91 46.72 -2.62 2.68
N LYS C 92 46.65 -3.94 2.84
CA LYS C 92 47.81 -4.80 2.73
C LYS C 92 48.11 -5.01 1.25
N ASN C 93 48.44 -3.92 0.58
CA ASN C 93 48.54 -3.86 -0.87
C ASN C 93 49.84 -3.21 -1.30
N LYS C 94 50.45 -3.74 -2.35
CA LYS C 94 51.75 -3.26 -2.82
C LYS C 94 51.60 -2.34 -4.02
N GLU C 95 50.36 -2.17 -4.47
CA GLU C 95 50.09 -1.38 -5.67
C GLU C 95 49.05 -0.31 -5.38
N GLU C 96 48.78 0.55 -6.35
CA GLU C 96 47.76 1.57 -6.19
C GLU C 96 46.37 0.95 -6.39
N PRO C 97 45.41 1.31 -5.54
CA PRO C 97 45.53 2.26 -4.42
C PRO C 97 46.03 1.60 -3.14
N ARG C 98 46.91 2.30 -2.42
CA ARG C 98 47.46 1.78 -1.17
C ARG C 98 46.65 2.29 0.01
N LYS C 99 45.78 3.26 -0.26
CA LYS C 99 44.90 3.81 0.76
C LYS C 99 43.68 4.50 0.15
N VAL C 100 42.60 4.58 0.92
CA VAL C 100 41.42 5.33 0.52
C VAL C 100 41.06 6.29 1.65
N ARG C 101 40.58 7.46 1.28
CA ARG C 101 40.27 8.49 2.28
C ARG C 101 38.79 8.86 2.28
N PHE C 102 38.16 8.81 3.44
CA PHE C 102 36.80 9.29 3.61
C PHE C 102 36.77 10.50 4.54
N ASP C 103 36.05 11.54 4.16
CA ASP C 103 35.87 12.69 5.04
C ASP C 103 34.57 12.53 5.82
N TYR C 104 34.68 11.93 7.01
CA TYR C 104 33.50 11.61 7.80
C TYR C 104 33.01 12.81 8.60
N ASP C 105 31.71 13.09 8.47
CA ASP C 105 31.08 14.14 9.26
C ASP C 105 30.73 13.63 10.65
N LEU C 106 31.63 13.83 11.61
CA LEU C 106 31.31 13.51 12.99
C LEU C 106 30.53 14.68 13.57
N PHE C 107 29.21 14.62 13.41
CA PHE C 107 28.34 15.70 13.84
C PHE C 107 27.71 15.40 15.20
N LEU C 108 27.49 16.44 15.99
CA LEU C 108 26.84 16.27 17.28
C LEU C 108 25.42 16.84 17.24
N HIS C 109 24.55 16.30 18.09
CA HIS C 109 23.21 16.85 18.24
C HIS C 109 23.15 17.72 19.49
N LEU C 110 22.22 18.67 19.50
CA LEU C 110 22.08 19.61 20.61
C LEU C 110 21.52 18.94 21.86
N GLU C 111 21.59 19.65 22.98
CA GLU C 111 21.03 19.17 24.23
C GLU C 111 19.51 19.21 24.14
N GLY C 112 18.84 18.29 24.83
CA GLY C 112 17.40 18.18 24.73
C GLY C 112 17.01 17.57 23.40
N HIS C 113 17.87 16.71 22.89
CA HIS C 113 17.66 16.03 21.62
C HIS C 113 18.18 14.60 21.72
N PRO C 114 17.72 13.69 20.83
CA PRO C 114 18.18 12.31 20.93
C PRO C 114 19.68 12.18 20.65
N PRO C 115 20.32 11.14 21.17
CA PRO C 115 21.75 10.91 20.93
C PRO C 115 22.03 10.60 19.47
N VAL C 116 23.30 10.48 19.10
CA VAL C 116 23.66 10.22 17.72
C VAL C 116 24.04 8.77 17.49
N ASN C 117 23.44 8.18 16.46
CA ASN C 117 23.86 6.86 15.99
C ASN C 117 23.80 6.84 14.47
N HIS C 118 24.92 7.17 13.84
CA HIS C 118 24.98 7.28 12.39
C HIS C 118 25.79 6.13 11.79
N LEU C 119 25.30 5.59 10.68
CA LEU C 119 26.01 4.55 9.96
C LEU C 119 26.15 4.94 8.50
N ARG C 120 27.37 4.86 7.99
CA ARG C 120 27.64 5.22 6.61
C ARG C 120 28.33 4.07 5.90
N CYS C 121 27.66 3.50 4.90
CA CYS C 121 28.19 2.33 4.20
C CYS C 121 28.88 2.73 2.89
N GLU C 122 30.06 2.17 2.65
CA GLU C 122 30.84 2.49 1.46
C GLU C 122 31.28 1.24 0.72
N LYS C 123 31.13 1.27 -0.61
CA LYS C 123 31.60 0.18 -1.45
C LYS C 123 32.96 0.53 -2.06
N LEU C 124 33.88 -0.42 -2.00
CA LEU C 124 35.20 -0.25 -2.61
C LEU C 124 35.38 -1.19 -3.80
N THR C 125 35.83 -0.65 -4.92
CA THR C 125 36.06 -1.47 -6.10
C THR C 125 37.53 -1.44 -6.51
N PHE C 126 38.18 -2.60 -6.45
CA PHE C 126 39.56 -2.73 -6.88
C PHE C 126 39.59 -3.36 -8.27
N ASN C 127 40.17 -2.65 -9.24
CA ASN C 127 40.21 -3.13 -10.61
C ASN C 127 41.50 -3.88 -10.93
N ASN C 128 41.35 -5.14 -11.32
CA ASN C 128 42.47 -6.04 -11.59
C ASN C 128 43.56 -6.04 -10.52
N PRO C 129 43.21 -6.42 -9.28
CA PRO C 129 44.24 -6.49 -8.26
C PRO C 129 45.10 -7.74 -8.44
N THR C 130 46.27 -7.78 -7.81
CA THR C 130 47.08 -8.99 -7.83
C THR C 130 46.34 -10.09 -7.09
N GLU C 131 46.71 -11.34 -7.34
CA GLU C 131 46.00 -12.48 -6.78
C GLU C 131 46.28 -12.63 -5.29
N ASP C 132 47.41 -12.11 -4.83
CA ASP C 132 47.73 -12.13 -3.41
C ASP C 132 46.80 -11.20 -2.63
N PHE C 133 46.67 -9.97 -3.12
CA PHE C 133 45.79 -8.99 -2.50
C PHE C 133 44.33 -9.41 -2.69
N ARG C 134 44.05 -10.07 -3.80
CA ARG C 134 42.71 -10.60 -4.06
C ARG C 134 42.37 -11.67 -3.04
N ARG C 135 43.35 -12.51 -2.72
CA ARG C 135 43.17 -13.58 -1.73
C ARG C 135 42.85 -12.97 -0.37
N LYS C 136 43.51 -11.87 -0.05
CA LYS C 136 43.24 -11.14 1.18
C LYS C 136 41.85 -10.54 1.17
N LEU C 137 41.50 -9.89 0.06
CA LEU C 137 40.19 -9.27 -0.09
C LEU C 137 39.05 -10.28 -0.02
N LEU C 138 39.32 -11.51 -0.45
CA LEU C 138 38.30 -12.55 -0.48
C LEU C 138 38.19 -13.34 0.82
N LYS C 139 39.22 -13.23 1.67
CA LYS C 139 39.18 -13.86 2.98
C LYS C 139 38.31 -13.03 3.94
N ALA C 140 38.00 -11.81 3.52
CA ALA C 140 37.13 -10.92 4.29
C ALA C 140 35.66 -11.22 4.01
N MET D 3 29.38 -11.97 2.07
CA MET D 3 30.68 -12.23 2.69
C MET D 3 31.28 -11.05 3.48
N ALA D 4 31.36 -9.84 2.91
CA ALA D 4 30.91 -9.49 1.56
C ALA D 4 32.08 -9.06 0.67
N SER D 5 32.48 -9.97 -0.21
CA SER D 5 33.53 -9.71 -1.19
C SER D 5 33.27 -10.57 -2.43
N SER D 6 33.59 -10.05 -3.61
CA SER D 6 33.31 -10.79 -4.82
C SER D 6 34.21 -10.44 -5.99
N CYS D 7 34.72 -11.46 -6.66
CA CYS D 7 35.41 -11.25 -7.92
C CYS D 7 34.44 -11.43 -9.08
N ALA D 8 34.45 -10.48 -10.00
CA ALA D 8 33.63 -10.54 -11.19
C ALA D 8 34.50 -10.46 -12.43
N VAL D 9 34.91 -11.62 -12.93
CA VAL D 9 35.79 -11.66 -14.09
C VAL D 9 34.98 -11.64 -15.39
N GLN D 10 35.29 -10.68 -16.25
CA GLN D 10 34.59 -10.57 -17.53
C GLN D 10 35.53 -10.84 -18.71
N VAL D 11 35.13 -11.79 -19.54
CA VAL D 11 35.86 -12.08 -20.77
C VAL D 11 34.97 -11.76 -21.97
N LYS D 12 35.60 -11.42 -23.09
CA LYS D 12 34.87 -11.02 -24.29
C LYS D 12 34.92 -12.10 -25.35
N LEU D 13 33.80 -12.30 -26.06
CA LEU D 13 33.73 -13.27 -27.14
C LEU D 13 33.21 -12.64 -28.43
N GLU D 14 33.68 -13.15 -29.56
CA GLU D 14 33.16 -12.72 -30.85
C GLU D 14 32.55 -13.89 -31.60
N LEU D 15 31.28 -13.74 -31.96
CA LEU D 15 30.57 -14.72 -32.77
C LEU D 15 30.27 -14.11 -34.13
N GLY D 16 30.60 -14.82 -35.20
CA GLY D 16 30.39 -14.29 -36.53
C GLY D 16 30.44 -15.33 -37.62
N HIS D 17 30.04 -14.93 -38.83
CA HIS D 17 30.03 -15.84 -39.96
C HIS D 17 30.06 -15.11 -41.29
N ARG D 18 30.72 -15.72 -42.27
CA ARG D 18 30.72 -15.24 -43.65
C ARG D 18 29.83 -16.13 -44.51
N ALA D 19 29.12 -15.53 -45.45
CA ALA D 19 28.21 -16.29 -46.30
C ALA D 19 28.28 -15.81 -47.74
N GLN D 20 28.97 -16.58 -48.57
CA GLN D 20 29.21 -16.21 -49.95
C GLN D 20 28.36 -17.06 -50.89
N VAL D 21 27.97 -16.48 -52.02
CA VAL D 21 27.27 -17.23 -53.04
C VAL D 21 28.31 -17.85 -53.98
N ARG D 22 28.19 -19.15 -54.22
CA ARG D 22 29.13 -19.83 -55.11
C ARG D 22 28.98 -19.35 -56.55
N LYS D 23 30.07 -19.44 -57.30
CA LYS D 23 30.06 -19.17 -58.73
C LYS D 23 29.11 -20.12 -59.43
N LYS D 24 29.44 -21.40 -59.35
CA LYS D 24 28.57 -22.47 -59.81
C LYS D 24 28.12 -23.25 -58.58
N PRO D 25 26.82 -23.59 -58.52
CA PRO D 25 26.35 -24.42 -57.42
C PRO D 25 27.09 -25.74 -57.36
N THR D 26 27.16 -26.36 -56.18
CA THR D 26 27.67 -27.74 -56.09
C THR D 26 26.71 -28.66 -56.82
N VAL D 27 27.07 -29.93 -56.88
CA VAL D 27 26.34 -30.89 -57.69
C VAL D 27 25.27 -31.46 -56.83
N GLU D 28 25.62 -31.67 -55.59
CA GLU D 28 24.65 -31.97 -54.57
C GLU D 28 23.57 -30.90 -54.60
N GLY D 29 23.91 -29.77 -55.19
CA GLY D 29 22.95 -28.73 -55.42
C GLY D 29 23.19 -27.58 -54.49
N PHE D 30 24.24 -27.58 -53.69
CA PHE D 30 24.23 -26.41 -52.80
C PHE D 30 24.65 -25.11 -53.47
N THR D 31 24.05 -24.00 -53.02
CA THR D 31 24.21 -22.69 -53.63
C THR D 31 25.28 -21.84 -52.95
N HIS D 32 25.30 -21.89 -51.62
CA HIS D 32 26.18 -21.01 -50.85
C HIS D 32 27.39 -21.71 -50.24
N ASP D 33 28.41 -20.91 -49.94
CA ASP D 33 29.51 -21.32 -49.07
C ASP D 33 29.55 -20.39 -47.85
N TRP D 34 29.45 -20.95 -46.66
CA TRP D 34 29.58 -20.13 -45.45
C TRP D 34 30.57 -20.72 -44.45
N MET D 35 30.98 -19.88 -43.49
CA MET D 35 31.91 -20.26 -42.43
C MET D 35 31.54 -19.53 -41.14
N VAL D 36 31.31 -20.28 -40.07
CA VAL D 36 30.91 -19.69 -38.80
C VAL D 36 32.00 -19.93 -37.75
N PHE D 37 32.22 -18.93 -36.89
CA PHE D 37 33.32 -19.00 -35.94
C PHE D 37 33.01 -18.41 -34.57
N VAL D 38 33.85 -18.76 -33.60
CA VAL D 38 33.88 -18.14 -32.29
C VAL D 38 35.32 -17.84 -31.92
N ARG D 39 35.58 -16.60 -31.53
CA ARG D 39 36.93 -16.16 -31.20
C ARG D 39 36.92 -15.01 -30.20
N GLY D 40 38.09 -14.69 -29.67
CA GLY D 40 38.24 -13.51 -28.85
C GLY D 40 38.42 -12.31 -29.73
N PRO D 41 37.98 -11.13 -29.26
CA PRO D 41 38.18 -9.89 -30.02
C PRO D 41 39.62 -9.43 -29.94
N GLU D 42 40.06 -8.63 -30.91
CA GLU D 42 41.41 -8.09 -30.93
C GLU D 42 42.47 -9.14 -30.63
N HIS D 43 42.32 -10.31 -31.23
CA HIS D 43 43.32 -11.38 -31.20
C HIS D 43 43.57 -11.93 -29.81
N SER D 44 42.52 -12.04 -29.01
CA SER D 44 42.65 -12.65 -27.70
C SER D 44 42.66 -14.17 -27.84
N ASN D 45 43.58 -14.82 -27.14
CA ASN D 45 43.63 -16.27 -27.14
C ASN D 45 42.66 -16.83 -26.11
N ILE D 46 41.44 -17.10 -26.53
CA ILE D 46 40.41 -17.63 -25.65
C ILE D 46 40.69 -19.09 -25.29
N GLN D 47 41.64 -19.70 -25.99
CA GLN D 47 42.05 -21.07 -25.76
C GLN D 47 42.48 -21.31 -24.30
N HIS D 48 42.88 -20.22 -23.64
CA HIS D 48 43.32 -20.29 -22.25
C HIS D 48 42.20 -20.76 -21.31
N PHE D 49 40.98 -20.31 -21.56
CA PHE D 49 39.86 -20.67 -20.69
C PHE D 49 38.78 -21.46 -21.41
N VAL D 50 38.89 -21.57 -22.72
CA VAL D 50 37.92 -22.34 -23.50
C VAL D 50 38.39 -23.77 -23.75
N GLU D 51 37.62 -24.74 -23.27
CA GLU D 51 37.93 -26.16 -23.45
C GLU D 51 37.64 -26.60 -24.88
N LYS D 52 36.41 -26.37 -25.32
CA LYS D 52 35.99 -26.72 -26.67
C LYS D 52 34.77 -25.90 -27.10
N VAL D 53 34.61 -25.72 -28.39
CA VAL D 53 33.42 -25.07 -28.94
C VAL D 53 32.61 -26.07 -29.76
N VAL D 54 31.31 -26.13 -29.50
CA VAL D 54 30.45 -27.10 -30.18
C VAL D 54 29.40 -26.41 -31.04
N PHE D 55 29.50 -26.61 -32.35
CA PHE D 55 28.52 -26.07 -33.28
C PHE D 55 27.46 -27.12 -33.60
N HIS D 56 26.20 -26.77 -33.38
CA HIS D 56 25.10 -27.69 -33.67
C HIS D 56 24.41 -27.31 -34.98
N LEU D 57 24.84 -27.95 -36.06
CA LEU D 57 24.30 -27.68 -37.38
C LEU D 57 22.88 -28.23 -37.51
N HIS D 58 22.24 -27.93 -38.63
CA HIS D 58 20.91 -28.46 -38.93
C HIS D 58 21.00 -29.97 -39.13
N GLU D 59 19.86 -30.66 -38.99
CA GLU D 59 19.81 -32.10 -39.14
C GLU D 59 20.12 -32.55 -40.56
N SER D 60 20.02 -31.62 -41.50
CA SER D 60 20.25 -31.90 -42.91
C SER D 60 21.72 -32.26 -43.18
N PHE D 61 22.60 -31.75 -42.32
CA PHE D 61 24.04 -31.99 -42.45
C PHE D 61 24.48 -33.34 -41.88
N PRO D 62 25.43 -34.00 -42.55
CA PRO D 62 26.08 -35.18 -41.99
C PRO D 62 26.95 -34.79 -40.80
N ARG D 63 26.87 -35.56 -39.72
CA ARG D 63 27.55 -35.23 -38.47
C ARG D 63 27.25 -33.79 -38.07
N PRO D 64 25.98 -33.50 -37.77
CA PRO D 64 25.56 -32.12 -37.50
C PRO D 64 26.24 -31.53 -36.27
N LYS D 65 26.73 -32.40 -35.39
CA LYS D 65 27.47 -31.95 -34.21
C LYS D 65 28.96 -31.81 -34.55
N ARG D 66 29.40 -30.58 -34.78
CA ARG D 66 30.80 -30.31 -35.07
C ARG D 66 31.53 -29.83 -33.82
N VAL D 67 32.65 -30.47 -33.49
CA VAL D 67 33.38 -30.13 -32.27
C VAL D 67 34.81 -29.67 -32.54
N CYS D 68 35.09 -28.41 -32.19
CA CYS D 68 36.44 -27.88 -32.23
C CYS D 68 36.97 -27.71 -30.80
N LYS D 69 38.09 -28.36 -30.50
CA LYS D 69 38.70 -28.24 -29.18
C LYS D 69 40.09 -27.62 -29.28
N ASP D 70 40.39 -27.10 -30.46
CA ASP D 70 41.62 -26.35 -30.71
C ASP D 70 41.33 -25.23 -31.69
N PRO D 71 41.95 -24.06 -31.46
CA PRO D 71 41.76 -22.91 -32.35
C PRO D 71 42.36 -23.19 -33.72
N PRO D 72 41.74 -22.65 -34.80
CA PRO D 72 40.56 -21.79 -34.75
C PRO D 72 39.25 -22.56 -34.53
N TYR D 73 38.34 -21.97 -33.75
CA TYR D 73 37.04 -22.58 -33.51
C TYR D 73 36.06 -22.15 -34.59
N LYS D 74 36.00 -22.91 -35.69
CA LYS D 74 35.17 -22.54 -36.82
C LYS D 74 34.68 -23.76 -37.61
N VAL D 75 33.60 -23.55 -38.36
CA VAL D 75 33.05 -24.60 -39.22
C VAL D 75 32.90 -24.07 -40.65
N GLU D 76 33.36 -24.85 -41.61
CA GLU D 76 33.22 -24.49 -43.02
C GLU D 76 32.39 -25.53 -43.76
N GLU D 77 31.43 -25.06 -44.54
CA GLU D 77 30.52 -25.98 -45.24
C GLU D 77 30.09 -25.45 -46.60
N SER D 78 28.99 -26.02 -47.08
CA SER D 78 28.28 -25.53 -48.26
C SER D 78 26.81 -25.88 -48.09
N GLY D 79 25.92 -24.95 -48.43
CA GLY D 79 24.50 -25.19 -48.22
C GLY D 79 23.57 -24.46 -49.17
N TYR D 80 22.27 -24.55 -48.89
CA TYR D 80 21.26 -23.90 -49.72
C TYR D 80 20.36 -22.97 -48.92
N ALA D 81 20.39 -23.08 -47.59
CA ALA D 81 19.51 -22.29 -46.75
C ALA D 81 20.15 -21.90 -45.41
N GLY D 82 19.59 -20.88 -44.77
CA GLY D 82 20.04 -20.43 -43.47
C GLY D 82 19.23 -21.06 -42.35
N PHE D 83 19.70 -20.94 -41.12
CA PHE D 83 19.05 -21.59 -39.98
C PHE D 83 19.58 -21.08 -38.64
N ILE D 84 18.93 -21.46 -37.56
CA ILE D 84 19.42 -21.15 -36.22
C ILE D 84 20.44 -22.20 -35.81
N LEU D 85 21.65 -21.75 -35.49
CA LEU D 85 22.75 -22.66 -35.18
C LEU D 85 23.18 -22.53 -33.73
N PRO D 86 22.69 -23.42 -32.86
CA PRO D 86 23.09 -23.40 -31.45
C PRO D 86 24.58 -23.66 -31.28
N ILE D 87 25.28 -22.73 -30.62
CA ILE D 87 26.70 -22.90 -30.35
C ILE D 87 26.92 -23.06 -28.85
N GLU D 88 27.74 -24.04 -28.48
CA GLU D 88 28.07 -24.24 -27.07
C GLU D 88 29.56 -24.09 -26.82
N VAL D 89 29.91 -23.22 -25.89
CA VAL D 89 31.31 -22.98 -25.53
C VAL D 89 31.63 -23.53 -24.15
N TYR D 90 32.49 -24.54 -24.11
CA TYR D 90 32.85 -25.18 -22.84
C TYR D 90 34.10 -24.54 -22.24
N PHE D 91 34.10 -24.38 -20.92
CA PHE D 91 35.21 -23.74 -20.25
C PHE D 91 36.11 -24.74 -19.53
N LYS D 92 37.30 -24.28 -19.17
CA LYS D 92 38.22 -25.07 -18.35
C LYS D 92 37.79 -24.95 -16.88
N ASN D 93 36.48 -24.77 -16.71
CA ASN D 93 35.82 -24.74 -15.42
C ASN D 93 35.93 -26.06 -14.68
N LYS D 94 35.47 -26.06 -13.44
CA LYS D 94 35.24 -27.29 -12.70
C LYS D 94 33.93 -27.09 -11.95
N GLU D 95 33.53 -25.82 -11.87
CA GLU D 95 32.30 -25.44 -11.20
C GLU D 95 31.36 -24.70 -12.15
N GLU D 96 30.06 -24.77 -11.86
CA GLU D 96 29.01 -24.18 -12.67
C GLU D 96 29.21 -22.67 -12.87
N PRO D 97 28.96 -22.16 -14.09
CA PRO D 97 28.53 -22.92 -15.27
C PRO D 97 29.70 -23.51 -16.06
N ARG D 98 29.53 -24.77 -16.47
CA ARG D 98 30.55 -25.48 -17.23
C ARG D 98 30.56 -25.06 -18.69
N LYS D 99 29.46 -24.46 -19.15
CA LYS D 99 29.37 -24.02 -20.54
C LYS D 99 28.38 -22.87 -20.72
N VAL D 100 28.44 -22.24 -21.88
CA VAL D 100 27.48 -21.20 -22.26
C VAL D 100 26.95 -21.47 -23.66
N ARG D 101 25.67 -21.18 -23.89
CA ARG D 101 25.02 -21.47 -25.16
C ARG D 101 24.49 -20.22 -25.85
N PHE D 102 24.75 -20.12 -27.15
CA PHE D 102 24.18 -19.05 -27.96
C PHE D 102 23.40 -19.61 -29.14
N ASP D 103 22.24 -19.01 -29.43
CA ASP D 103 21.48 -19.35 -30.62
C ASP D 103 21.90 -18.40 -31.75
N TYR D 104 22.82 -18.87 -32.59
CA TYR D 104 23.35 -18.03 -33.66
C TYR D 104 22.54 -18.12 -34.94
N ASP D 105 22.13 -16.96 -35.45
CA ASP D 105 21.40 -16.88 -36.70
C ASP D 105 22.36 -16.92 -37.88
N LEU D 106 22.56 -18.11 -38.44
CA LEU D 106 23.35 -18.23 -39.66
C LEU D 106 22.46 -17.96 -40.85
N PHE D 107 22.35 -16.69 -41.22
CA PHE D 107 21.46 -16.27 -42.30
C PHE D 107 22.24 -16.05 -43.59
N LEU D 108 21.58 -16.28 -44.72
CA LEU D 108 22.22 -16.11 -46.02
C LEU D 108 21.55 -14.97 -46.82
N HIS D 109 22.31 -14.36 -47.71
CA HIS D 109 21.77 -13.32 -48.58
C HIS D 109 21.52 -13.87 -49.98
N LEU D 110 20.73 -13.16 -50.76
CA LEU D 110 20.35 -13.62 -52.10
C LEU D 110 21.48 -13.41 -53.11
N GLU D 111 21.31 -13.95 -54.31
CA GLU D 111 22.37 -13.98 -55.31
C GLU D 111 22.75 -12.60 -55.83
N GLY D 112 21.80 -11.68 -55.86
CA GLY D 112 22.04 -10.35 -56.37
C GLY D 112 22.54 -9.39 -55.31
N HIS D 113 22.60 -9.87 -54.07
CA HIS D 113 22.97 -9.05 -52.93
C HIS D 113 24.40 -9.35 -52.48
N PRO D 114 25.06 -8.38 -51.82
CA PRO D 114 26.44 -8.59 -51.36
C PRO D 114 26.54 -9.71 -50.32
N PRO D 115 27.74 -10.32 -50.17
CA PRO D 115 27.92 -11.43 -49.23
C PRO D 115 27.71 -11.02 -47.78
N VAL D 116 27.50 -12.00 -46.91
CA VAL D 116 27.33 -11.73 -45.48
C VAL D 116 28.68 -11.74 -44.77
N ASN D 117 28.94 -10.70 -44.00
CA ASN D 117 30.10 -10.67 -43.12
C ASN D 117 29.67 -10.10 -41.78
N HIS D 118 29.04 -10.96 -40.97
CA HIS D 118 28.40 -10.53 -39.73
C HIS D 118 29.26 -10.77 -38.51
N LEU D 119 29.19 -9.83 -37.57
CA LEU D 119 29.92 -9.94 -36.31
C LEU D 119 28.99 -9.71 -35.14
N ARG D 120 29.11 -10.54 -34.12
CA ARG D 120 28.29 -10.43 -32.92
C ARG D 120 29.16 -10.52 -31.66
N CYS D 121 28.92 -9.61 -30.73
CA CYS D 121 29.73 -9.53 -29.52
C CYS D 121 28.98 -10.08 -28.31
N GLU D 122 29.70 -10.83 -27.48
CA GLU D 122 29.12 -11.39 -26.26
C GLU D 122 30.08 -11.23 -25.09
N LYS D 123 29.58 -10.68 -23.99
CA LYS D 123 30.39 -10.57 -22.78
C LYS D 123 30.00 -11.65 -21.77
N LEU D 124 31.00 -12.34 -21.24
CA LEU D 124 30.79 -13.38 -20.24
C LEU D 124 31.19 -12.89 -18.86
N THR D 125 30.34 -13.11 -17.88
CA THR D 125 30.65 -12.71 -16.52
C THR D 125 30.69 -13.91 -15.58
N PHE D 126 31.85 -14.15 -14.98
CA PHE D 126 31.99 -15.21 -13.99
C PHE D 126 32.07 -14.62 -12.58
N ASN D 127 31.10 -14.98 -11.74
CA ASN D 127 31.06 -14.46 -10.38
C ASN D 127 31.81 -15.38 -9.41
N ASN D 128 32.83 -14.83 -8.76
CA ASN D 128 33.67 -15.56 -7.82
C ASN D 128 34.21 -16.88 -8.36
N PRO D 129 35.01 -16.83 -9.43
CA PRO D 129 35.57 -18.08 -9.94
C PRO D 129 36.70 -18.58 -9.05
N THR D 130 37.17 -19.81 -9.25
CA THR D 130 38.33 -20.30 -8.53
C THR D 130 39.57 -19.53 -8.96
N GLU D 131 40.64 -19.63 -8.17
CA GLU D 131 41.88 -18.93 -8.43
C GLU D 131 42.58 -19.43 -9.69
N ASP D 132 42.52 -20.73 -9.92
CA ASP D 132 43.16 -21.33 -11.09
C ASP D 132 42.44 -20.98 -12.37
N PHE D 133 41.11 -20.95 -12.32
CA PHE D 133 40.32 -20.60 -13.49
C PHE D 133 40.44 -19.12 -13.79
N ARG D 134 40.69 -18.33 -12.76
CA ARG D 134 40.82 -16.88 -12.90
C ARG D 134 42.01 -16.48 -13.76
N ARG D 135 43.18 -17.04 -13.45
CA ARG D 135 44.39 -16.72 -14.20
C ARG D 135 44.27 -17.18 -15.65
N LYS D 136 43.52 -18.26 -15.85
CA LYS D 136 43.20 -18.72 -17.19
C LYS D 136 42.37 -17.68 -17.94
N LEU D 137 41.34 -17.17 -17.27
CA LEU D 137 40.47 -16.16 -17.84
C LEU D 137 41.22 -14.86 -18.15
N LEU D 138 42.18 -14.51 -17.29
CA LEU D 138 42.90 -13.26 -17.42
C LEU D 138 44.10 -13.36 -18.37
N LYS D 139 44.45 -14.57 -18.78
CA LYS D 139 45.52 -14.75 -19.75
C LYS D 139 45.02 -14.43 -21.15
N ALA D 140 43.71 -14.27 -21.29
CA ALA D 140 43.09 -13.96 -22.57
C ALA D 140 43.17 -12.47 -22.88
N MET E 3 -41.79 7.94 -0.95
CA MET E 3 -40.59 7.30 -1.47
C MET E 3 -40.17 7.90 -2.80
N ALA E 4 -38.86 7.98 -3.05
CA ALA E 4 -37.84 7.48 -2.13
C ALA E 4 -37.40 8.54 -1.12
N SER E 5 -37.90 8.44 0.10
CA SER E 5 -37.55 9.38 1.16
C SER E 5 -37.82 8.77 2.53
N SER E 6 -37.15 9.28 3.55
CA SER E 6 -37.37 8.80 4.91
C SER E 6 -36.98 9.83 5.96
N CYS E 7 -37.80 9.90 7.01
CA CYS E 7 -37.40 10.61 8.22
C CYS E 7 -37.29 9.63 9.37
N ALA E 8 -36.14 9.68 10.05
CA ALA E 8 -35.90 8.84 11.21
C ALA E 8 -35.58 9.72 12.42
N VAL E 9 -36.60 10.02 13.21
CA VAL E 9 -36.38 10.79 14.43
C VAL E 9 -36.00 9.85 15.57
N GLN E 10 -34.83 10.07 16.13
CA GLN E 10 -34.37 9.27 17.26
C GLN E 10 -34.46 10.04 18.55
N VAL E 11 -35.23 9.53 19.50
CA VAL E 11 -35.27 10.13 20.83
C VAL E 11 -34.72 9.14 21.85
N LYS E 12 -34.16 9.66 22.93
CA LYS E 12 -33.60 8.80 23.97
C LYS E 12 -34.46 8.82 25.23
N LEU E 13 -34.72 7.64 25.77
CA LEU E 13 -35.49 7.50 27.00
C LEU E 13 -34.70 6.71 28.02
N GLU E 14 -34.86 7.07 29.29
CA GLU E 14 -34.16 6.38 30.37
C GLU E 14 -35.14 5.74 31.35
N LEU E 15 -34.95 4.45 31.61
CA LEU E 15 -35.73 3.75 32.61
C LEU E 15 -34.79 3.34 33.74
N GLY E 16 -35.26 3.50 34.98
CA GLY E 16 -34.41 3.19 36.11
C GLY E 16 -35.14 3.10 37.43
N HIS E 17 -34.49 2.54 38.43
CA HIS E 17 -35.09 2.42 39.74
C HIS E 17 -34.05 2.30 40.85
N ARG E 18 -34.43 2.76 42.05
CA ARG E 18 -33.60 2.63 43.24
C ARG E 18 -34.28 1.70 44.23
N ALA E 19 -33.52 0.86 44.92
CA ALA E 19 -34.09 -0.07 45.88
C ALA E 19 -33.23 -0.24 47.12
N GLN E 20 -33.68 0.32 48.24
CA GLN E 20 -32.95 0.24 49.51
C GLN E 20 -33.67 -0.63 50.53
N VAL E 21 -32.91 -1.35 51.34
CA VAL E 21 -33.46 -2.07 52.48
C VAL E 21 -33.71 -1.08 53.62
N ARG E 22 -34.91 -1.11 54.17
CA ARG E 22 -35.24 -0.20 55.27
C ARG E 22 -34.42 -0.54 56.51
N LYS E 23 -34.19 0.47 57.36
CA LYS E 23 -33.45 0.28 58.60
C LYS E 23 -34.25 -0.63 59.53
N LYS E 24 -35.56 -0.42 59.55
CA LYS E 24 -36.50 -1.32 60.21
C LYS E 24 -37.82 -1.30 59.42
N PRO E 25 -38.34 -2.48 59.06
CA PRO E 25 -39.53 -2.64 58.21
C PRO E 25 -40.75 -1.87 58.68
N THR E 26 -41.69 -1.67 57.76
CA THR E 26 -42.93 -0.96 58.05
C THR E 26 -43.87 -1.82 58.91
N VAL E 27 -45.04 -1.28 59.23
CA VAL E 27 -45.99 -2.00 60.06
C VAL E 27 -46.58 -3.20 59.32
N GLU E 28 -46.70 -3.10 58.00
CA GLU E 28 -47.24 -4.19 57.20
C GLU E 28 -46.18 -5.28 57.04
N GLY E 29 -44.94 -4.93 57.36
CA GLY E 29 -43.83 -5.86 57.28
C GLY E 29 -42.96 -5.66 56.05
N PHE E 30 -43.16 -4.53 55.37
CA PHE E 30 -42.43 -4.24 54.15
C PHE E 30 -40.96 -3.97 54.41
N THR E 31 -40.10 -4.75 53.75
CA THR E 31 -38.66 -4.68 53.97
C THR E 31 -37.98 -3.55 53.20
N HIS E 32 -38.37 -3.36 51.95
CA HIS E 32 -37.67 -2.41 51.09
C HIS E 32 -38.44 -1.13 50.79
N ASP E 33 -37.69 -0.08 50.47
CA ASP E 33 -38.25 1.12 49.87
C ASP E 33 -37.69 1.26 48.47
N TRP E 34 -38.56 1.44 47.48
CA TRP E 34 -38.06 1.65 46.12
C TRP E 34 -38.74 2.78 45.37
N MET E 35 -38.03 3.30 44.37
CA MET E 35 -38.53 4.35 43.49
C MET E 35 -38.21 3.97 42.04
N VAL E 36 -39.19 4.09 41.15
CA VAL E 36 -38.98 3.79 39.73
C VAL E 36 -39.31 5.02 38.89
N PHE E 37 -38.58 5.22 37.79
CA PHE E 37 -38.77 6.44 37.02
C PHE E 37 -38.61 6.26 35.51
N VAL E 38 -39.15 7.23 34.77
CA VAL E 38 -38.92 7.36 33.33
C VAL E 38 -38.54 8.80 33.04
N ARG E 39 -37.38 8.99 32.42
CA ARG E 39 -36.88 10.33 32.19
C ARG E 39 -36.16 10.41 30.85
N GLY E 40 -35.54 11.55 30.59
CA GLY E 40 -34.67 11.71 29.44
C GLY E 40 -33.26 11.92 29.91
N PRO E 41 -32.31 11.96 28.97
CA PRO E 41 -30.90 12.22 29.30
C PRO E 41 -30.72 13.62 29.88
N GLU E 42 -29.48 13.94 30.29
CA GLU E 42 -29.19 15.21 30.93
C GLU E 42 -29.71 16.39 30.11
N HIS E 43 -30.39 17.30 30.80
CA HIS E 43 -30.91 18.53 30.20
C HIS E 43 -31.88 18.27 29.05
N SER E 44 -32.80 17.35 29.24
CA SER E 44 -33.79 17.02 28.21
C SER E 44 -35.19 16.88 28.78
N ASN E 45 -36.13 17.65 28.26
CA ASN E 45 -37.51 17.56 28.69
C ASN E 45 -38.33 16.72 27.71
N ILE E 46 -38.65 15.49 28.13
CA ILE E 46 -39.40 14.58 27.28
C ILE E 46 -40.90 14.91 27.31
N GLN E 47 -41.27 15.82 28.20
CA GLN E 47 -42.67 16.26 28.34
C GLN E 47 -43.20 16.85 27.04
N HIS E 48 -42.29 17.28 26.16
CA HIS E 48 -42.65 17.83 24.87
C HIS E 48 -43.39 16.81 24.00
N PHE E 49 -42.97 15.56 24.07
CA PHE E 49 -43.60 14.51 23.28
C PHE E 49 -44.23 13.42 24.13
N VAL E 50 -44.04 13.49 25.44
CA VAL E 50 -44.67 12.53 26.35
C VAL E 50 -45.99 13.08 26.88
N GLU E 51 -47.07 12.35 26.62
CA GLU E 51 -48.39 12.74 27.12
C GLU E 51 -48.57 12.27 28.56
N LYS E 52 -48.26 10.99 28.79
CA LYS E 52 -48.38 10.40 30.12
C LYS E 52 -47.58 9.11 30.20
N VAL E 53 -47.14 8.76 31.41
CA VAL E 53 -46.46 7.49 31.63
C VAL E 53 -47.27 6.61 32.57
N VAL E 54 -47.50 5.36 32.19
CA VAL E 54 -48.29 4.47 33.03
C VAL E 54 -47.46 3.32 33.58
N PHE E 55 -47.27 3.31 34.89
CA PHE E 55 -46.68 2.16 35.58
C PHE E 55 -47.78 1.28 36.16
N HIS E 56 -47.90 0.05 35.64
CA HIS E 56 -48.77 -0.95 36.25
C HIS E 56 -47.97 -1.82 37.22
N LEU E 57 -48.12 -1.59 38.52
CA LEU E 57 -47.37 -2.38 39.49
C LEU E 57 -48.00 -3.77 39.65
N HIS E 58 -47.42 -4.58 40.53
CA HIS E 58 -47.98 -5.89 40.80
C HIS E 58 -49.38 -5.74 41.41
N GLU E 59 -50.21 -6.77 41.25
CA GLU E 59 -51.60 -6.70 41.70
C GLU E 59 -51.73 -6.60 43.21
N SER E 60 -50.68 -6.94 43.93
CA SER E 60 -50.68 -6.91 45.39
C SER E 60 -50.81 -5.48 45.91
N PHE E 61 -50.39 -4.52 45.09
CA PHE E 61 -50.47 -3.11 45.42
C PHE E 61 -51.86 -2.51 45.23
N PRO E 62 -52.25 -1.60 46.12
CA PRO E 62 -53.46 -0.78 45.92
C PRO E 62 -53.26 0.18 44.75
N ARG E 63 -54.24 0.26 43.87
CA ARG E 63 -54.15 1.09 42.67
C ARG E 63 -52.89 0.74 41.87
N PRO E 64 -52.76 -0.52 41.44
CA PRO E 64 -51.51 -0.95 40.78
C PRO E 64 -51.20 -0.16 39.51
N LYS E 65 -52.24 0.32 38.84
CA LYS E 65 -52.05 1.14 37.65
C LYS E 65 -51.86 2.60 38.04
N ARG E 66 -50.61 3.03 38.11
CA ARG E 66 -50.28 4.40 38.46
C ARG E 66 -50.06 5.24 37.21
N VAL E 67 -50.69 6.42 37.16
CA VAL E 67 -50.60 7.27 35.96
C VAL E 67 -50.03 8.64 36.26
N CYS E 68 -48.91 8.96 35.62
CA CYS E 68 -48.30 10.29 35.71
C CYS E 68 -48.48 11.03 34.39
N LYS E 69 -49.11 12.19 34.45
CA LYS E 69 -49.34 12.98 33.24
C LYS E 69 -48.37 14.17 33.17
N ASP E 70 -47.63 14.37 34.25
CA ASP E 70 -46.62 15.43 34.33
C ASP E 70 -45.34 14.89 34.95
N PRO E 71 -44.19 15.41 34.52
CA PRO E 71 -42.91 15.06 35.15
C PRO E 71 -42.86 15.55 36.59
N PRO E 72 -42.15 14.83 37.48
CA PRO E 72 -41.40 13.60 37.19
C PRO E 72 -42.31 12.39 37.01
N TYR E 73 -41.94 11.52 36.06
CA TYR E 73 -42.64 10.27 35.87
C TYR E 73 -42.09 9.26 36.86
N LYS E 74 -42.66 9.26 38.05
CA LYS E 74 -42.06 8.59 39.21
C LYS E 74 -43.09 7.80 40.02
N VAL E 75 -42.66 6.69 40.58
CA VAL E 75 -43.48 5.93 41.54
C VAL E 75 -42.64 5.55 42.76
N GLU E 76 -43.09 5.96 43.94
CA GLU E 76 -42.40 5.64 45.17
C GLU E 76 -43.25 4.72 46.05
N GLU E 77 -42.71 3.56 46.40
CA GLU E 77 -43.44 2.59 47.20
C GLU E 77 -42.55 1.82 48.16
N SER E 78 -43.19 1.02 49.00
CA SER E 78 -42.49 0.10 49.89
C SER E 78 -43.04 -1.31 49.65
N GLY E 79 -42.17 -2.31 49.68
CA GLY E 79 -42.57 -3.67 49.38
C GLY E 79 -41.70 -4.73 50.02
N TYR E 80 -41.97 -5.99 49.68
CA TYR E 80 -41.22 -7.10 50.24
C TYR E 80 -40.56 -7.97 49.17
N ALA E 81 -40.82 -7.66 47.90
CA ALA E 81 -40.24 -8.44 46.81
C ALA E 81 -40.18 -7.67 45.50
N GLY E 82 -39.40 -8.19 44.55
CA GLY E 82 -39.28 -7.59 43.24
C GLY E 82 -40.23 -8.22 42.24
N PHE E 83 -40.42 -7.57 41.10
CA PHE E 83 -41.38 -8.04 40.11
C PHE E 83 -41.15 -7.41 38.74
N ILE E 84 -41.81 -7.95 37.73
CA ILE E 84 -41.77 -7.37 36.39
C ILE E 84 -42.81 -6.25 36.30
N LEU E 85 -42.36 -5.06 35.93
CA LEU E 85 -43.19 -3.87 35.94
C LEU E 85 -43.31 -3.27 34.54
N PRO E 86 -44.23 -3.80 33.72
CA PRO E 86 -44.53 -3.21 32.41
C PRO E 86 -44.83 -1.72 32.53
N ILE E 87 -44.14 -0.91 31.72
CA ILE E 87 -44.33 0.53 31.72
C ILE E 87 -44.79 0.98 30.33
N GLU E 88 -45.77 1.87 30.28
CA GLU E 88 -46.29 2.37 29.01
C GLU E 88 -46.10 3.88 28.91
N VAL E 89 -45.44 4.30 27.84
CA VAL E 89 -45.19 5.72 27.59
C VAL E 89 -46.02 6.20 26.41
N TYR E 90 -46.96 7.10 26.68
CA TYR E 90 -47.84 7.61 25.64
C TYR E 90 -47.34 8.94 25.07
N PHE E 91 -47.51 9.10 23.76
CA PHE E 91 -46.98 10.27 23.07
C PHE E 91 -48.06 11.30 22.76
N LYS E 92 -47.65 12.58 22.73
CA LYS E 92 -48.52 13.63 22.23
C LYS E 92 -48.63 13.48 20.72
N ASN E 93 -49.31 12.42 20.30
CA ASN E 93 -49.31 11.96 18.93
C ASN E 93 -50.73 11.65 18.46
N LYS E 94 -50.97 11.77 17.15
CA LYS E 94 -52.28 11.47 16.60
C LYS E 94 -52.23 10.21 15.74
N GLU E 95 -51.03 9.64 15.61
CA GLU E 95 -50.82 8.49 14.74
C GLU E 95 -50.15 7.34 15.47
N GLU E 96 -50.09 6.19 14.81
CA GLU E 96 -49.38 5.04 15.34
C GLU E 96 -47.88 5.25 15.22
N PRO E 97 -47.11 4.90 16.27
CA PRO E 97 -47.63 4.35 17.52
C PRO E 97 -48.06 5.42 18.51
N ARG E 98 -49.11 5.14 19.27
CA ARG E 98 -49.58 6.04 20.31
C ARG E 98 -48.82 5.81 21.61
N LYS E 99 -48.16 4.66 21.71
CA LYS E 99 -47.42 4.32 22.91
C LYS E 99 -46.29 3.34 22.64
N VAL E 100 -45.37 3.24 23.59
CA VAL E 100 -44.32 2.22 23.56
C VAL E 100 -44.33 1.47 24.90
N ARG E 101 -44.05 0.17 24.85
CA ARG E 101 -44.08 -0.67 26.06
C ARG E 101 -42.71 -1.21 26.42
N PHE E 102 -42.36 -1.11 27.70
CA PHE E 102 -41.19 -1.79 28.24
C PHE E 102 -41.60 -2.67 29.41
N ASP E 103 -41.06 -3.88 29.48
CA ASP E 103 -41.25 -4.72 30.65
C ASP E 103 -40.07 -4.58 31.59
N TYR E 104 -40.16 -3.60 32.49
CA TYR E 104 -39.05 -3.25 33.36
C TYR E 104 -38.95 -4.21 34.55
N ASP E 105 -37.74 -4.73 34.77
CA ASP E 105 -37.48 -5.63 35.88
C ASP E 105 -37.13 -4.85 37.14
N LEU E 106 -38.11 -4.67 38.02
CA LEU E 106 -37.88 -3.98 39.28
C LEU E 106 -37.38 -4.96 40.33
N PHE E 107 -36.06 -5.17 40.36
CA PHE E 107 -35.48 -6.14 41.28
C PHE E 107 -34.95 -5.50 42.56
N LEU E 108 -35.00 -6.25 43.65
CA LEU E 108 -34.44 -5.79 44.91
C LEU E 108 -33.21 -6.62 45.25
N HIS E 109 -32.41 -6.13 46.21
CA HIS E 109 -31.30 -6.91 46.72
C HIS E 109 -31.56 -7.27 48.19
N LEU E 110 -30.94 -8.35 48.65
CA LEU E 110 -31.13 -8.84 50.01
C LEU E 110 -30.38 -8.02 51.04
N GLU E 111 -30.68 -8.27 52.32
CA GLU E 111 -29.96 -7.65 53.42
C GLU E 111 -28.48 -7.99 53.35
N GLY E 112 -27.63 -7.03 53.72
CA GLY E 112 -26.20 -7.25 53.71
C GLY E 112 -25.59 -7.14 52.33
N HIS E 113 -26.40 -6.74 51.36
CA HIS E 113 -25.93 -6.47 50.01
C HIS E 113 -26.18 -5.00 49.69
N PRO E 114 -25.30 -4.38 48.87
CA PRO E 114 -25.46 -2.96 48.56
C PRO E 114 -26.78 -2.66 47.87
N PRO E 115 -27.36 -1.47 48.13
CA PRO E 115 -28.66 -1.11 47.58
C PRO E 115 -28.66 -1.10 46.05
N VAL E 116 -29.85 -1.13 45.45
CA VAL E 116 -29.98 -1.17 44.00
C VAL E 116 -30.06 0.23 43.40
N ASN E 117 -29.17 0.51 42.45
CA ASN E 117 -29.25 1.73 41.64
C ASN E 117 -29.06 1.35 40.18
N HIS E 118 -30.16 1.12 39.47
CA HIS E 118 -30.11 0.59 38.11
C HIS E 118 -30.61 1.61 37.09
N LEU E 119 -29.87 1.72 35.99
CA LEU E 119 -30.26 2.61 34.90
C LEU E 119 -30.28 1.84 33.58
N ARG E 120 -31.33 2.06 32.79
CA ARG E 120 -31.52 1.35 31.53
C ARG E 120 -31.87 2.34 30.42
N CYS E 121 -30.98 2.47 29.44
CA CYS E 121 -31.18 3.42 28.37
C CYS E 121 -31.83 2.77 27.15
N GLU E 122 -32.85 3.44 26.61
CA GLU E 122 -33.57 2.94 25.44
C GLU E 122 -33.67 4.02 24.37
N LYS E 123 -33.34 3.65 23.14
CA LYS E 123 -33.51 4.55 22.01
C LYS E 123 -34.81 4.22 21.30
N LEU E 124 -35.56 5.28 20.94
CA LEU E 124 -36.79 5.12 20.19
C LEU E 124 -36.62 5.65 18.78
N THR E 125 -37.12 4.90 17.79
CA THR E 125 -37.01 5.31 16.40
C THR E 125 -38.38 5.55 15.79
N PHE E 126 -38.64 6.81 15.40
CA PHE E 126 -39.88 7.17 14.75
C PHE E 126 -39.64 7.38 13.26
N ASN E 127 -40.30 6.59 12.43
CA ASN E 127 -40.13 6.70 10.99
C ASN E 127 -41.24 7.52 10.33
N ASN E 128 -40.83 8.57 9.62
CA ASN E 128 -41.76 9.50 8.97
C ASN E 128 -42.88 10.00 9.89
N PRO E 129 -42.52 10.68 11.00
CA PRO E 129 -43.59 11.22 11.85
C PRO E 129 -44.15 12.51 11.26
N THR E 130 -45.38 12.86 11.60
CA THR E 130 -45.94 14.14 11.16
C THR E 130 -45.10 15.27 11.74
N GLU E 131 -44.86 16.30 10.93
CA GLU E 131 -43.93 17.35 11.29
C GLU E 131 -44.35 18.10 12.56
N ASP E 132 -45.63 18.10 12.85
CA ASP E 132 -46.13 18.70 14.08
C ASP E 132 -45.64 17.88 15.27
N PHE E 133 -45.65 16.56 15.12
CA PHE E 133 -45.13 15.66 16.14
C PHE E 133 -43.60 15.65 16.11
N ARG E 134 -43.04 15.86 14.92
CA ARG E 134 -41.59 15.92 14.76
C ARG E 134 -40.98 17.09 15.55
N ARG E 135 -41.67 18.23 15.52
CA ARG E 135 -41.23 19.40 16.29
C ARG E 135 -41.23 19.09 17.78
N LYS E 136 -42.22 18.32 18.22
CA LYS E 136 -42.32 17.92 19.62
C LYS E 136 -41.15 17.01 20.00
N LEU E 137 -40.84 16.09 19.11
CA LEU E 137 -39.72 15.17 19.32
C LEU E 137 -38.39 15.92 19.35
N LEU E 138 -38.30 16.99 18.56
CA LEU E 138 -37.06 17.74 18.44
C LEU E 138 -36.92 18.83 19.50
N LYS E 139 -38.02 19.16 20.17
CA LYS E 139 -37.98 20.15 21.24
C LYS E 139 -37.40 19.53 22.51
N ALA E 140 -37.30 18.21 22.52
CA ALA E 140 -36.75 17.49 23.67
C ALA E 140 -35.22 17.49 23.65
N ALA F 4 -31.23 13.86 23.81
CA ALA F 4 -30.95 14.28 22.44
C ALA F 4 -32.07 13.87 21.48
N SER F 5 -32.16 14.59 20.37
CA SER F 5 -33.08 14.24 19.30
C SER F 5 -32.44 14.58 17.96
N SER F 6 -32.80 13.83 16.93
CA SER F 6 -32.19 14.02 15.63
C SER F 6 -33.01 13.34 14.53
N CYS F 7 -33.00 13.93 13.34
CA CYS F 7 -33.63 13.32 12.18
C CYS F 7 -32.61 13.17 11.07
N ALA F 8 -32.57 12.00 10.45
CA ALA F 8 -31.68 11.74 9.34
C ALA F 8 -32.49 11.55 8.06
N VAL F 9 -32.52 12.57 7.21
CA VAL F 9 -33.23 12.46 5.95
C VAL F 9 -32.43 11.61 4.98
N GLN F 10 -33.11 10.72 4.28
CA GLN F 10 -32.45 9.90 3.29
C GLN F 10 -33.13 10.04 1.94
N VAL F 11 -32.40 10.55 0.96
CA VAL F 11 -32.88 10.58 -0.41
C VAL F 11 -31.95 9.71 -1.25
N LYS F 12 -32.51 9.08 -2.28
CA LYS F 12 -31.71 8.23 -3.16
C LYS F 12 -31.50 8.90 -4.51
N LEU F 13 -30.30 8.73 -5.04
CA LEU F 13 -29.95 9.25 -6.35
C LEU F 13 -29.20 8.18 -7.13
N GLU F 14 -29.44 8.10 -8.43
CA GLU F 14 -28.66 7.20 -9.26
C GLU F 14 -27.97 7.95 -10.38
N LEU F 15 -26.67 7.72 -10.51
CA LEU F 15 -25.87 8.30 -11.56
C LEU F 15 -25.56 7.21 -12.59
N GLY F 16 -25.60 7.57 -13.86
CA GLY F 16 -25.39 6.59 -14.90
C GLY F 16 -24.90 7.18 -16.20
N HIS F 17 -24.38 6.31 -17.07
CA HIS F 17 -23.96 6.73 -18.40
C HIS F 17 -23.98 5.56 -19.36
N ARG F 18 -24.45 5.82 -20.57
CA ARG F 18 -24.40 4.85 -21.64
C ARG F 18 -23.58 5.40 -22.79
N ALA F 19 -22.54 4.67 -23.17
CA ALA F 19 -21.66 5.12 -24.24
C ALA F 19 -21.81 4.26 -25.49
N GLN F 20 -22.64 4.73 -26.42
CA GLN F 20 -22.85 4.08 -27.70
C GLN F 20 -21.75 4.51 -28.67
N VAL F 21 -21.63 3.82 -29.80
CA VAL F 21 -20.60 4.14 -30.77
C VAL F 21 -21.19 4.63 -32.08
N ARG F 22 -20.75 5.79 -32.54
CA ARG F 22 -21.14 6.26 -33.87
C ARG F 22 -20.57 5.32 -34.92
N LYS F 23 -21.40 5.00 -35.92
CA LYS F 23 -21.08 4.02 -36.96
C LYS F 23 -19.66 4.21 -37.50
N LYS F 24 -19.34 5.45 -37.82
CA LYS F 24 -17.99 5.84 -38.19
C LYS F 24 -17.72 7.22 -37.62
N PRO F 25 -16.49 7.43 -37.07
CA PRO F 25 -16.04 8.53 -36.21
C PRO F 25 -16.92 9.75 -36.23
N THR F 26 -16.40 10.83 -36.80
CA THR F 26 -17.14 12.08 -37.01
C THR F 26 -16.44 12.99 -38.02
N VAL F 27 -16.95 14.21 -38.13
CA VAL F 27 -16.23 15.26 -38.83
C VAL F 27 -14.96 15.54 -38.05
N GLU F 28 -15.11 15.58 -36.72
CA GLU F 28 -14.00 15.87 -35.83
C GLU F 28 -13.37 14.61 -35.26
N GLY F 29 -13.67 13.46 -35.87
CA GLY F 29 -13.05 12.20 -35.51
C GLY F 29 -13.30 11.71 -34.10
N PHE F 30 -14.54 11.79 -33.64
CA PHE F 30 -14.91 11.29 -32.32
C PHE F 30 -15.46 9.89 -32.44
N THR F 31 -14.66 8.93 -31.97
CA THR F 31 -14.96 7.50 -32.06
C THR F 31 -16.32 7.13 -31.50
N HIS F 32 -16.51 7.34 -30.19
CA HIS F 32 -17.82 7.10 -29.59
C HIS F 32 -18.55 8.40 -29.27
N ASP F 33 -19.83 8.27 -28.93
CA ASP F 33 -20.60 9.36 -28.33
C ASP F 33 -21.25 8.85 -27.04
N TRP F 34 -21.15 9.64 -25.97
CA TRP F 34 -21.68 9.20 -24.68
C TRP F 34 -22.63 10.20 -24.04
N MET F 35 -23.29 9.73 -22.98
CA MET F 35 -24.28 10.52 -22.27
C MET F 35 -24.31 10.12 -20.81
N VAL F 36 -24.00 11.07 -19.93
CA VAL F 36 -23.90 10.77 -18.50
C VAL F 36 -24.91 11.61 -17.69
N PHE F 37 -25.65 10.95 -16.81
CA PHE F 37 -26.79 11.57 -16.17
C PHE F 37 -26.85 11.45 -14.64
N VAL F 38 -27.67 12.32 -14.05
CA VAL F 38 -28.04 12.25 -12.65
C VAL F 38 -29.56 12.30 -12.54
N ARG F 39 -30.15 11.26 -11.97
CA ARG F 39 -31.59 11.21 -11.79
C ARG F 39 -31.95 10.41 -10.55
N GLY F 40 -33.22 10.43 -10.18
CA GLY F 40 -33.69 9.69 -9.03
C GLY F 40 -34.27 8.34 -9.40
N PRO F 41 -34.13 7.36 -8.51
CA PRO F 41 -34.64 6.00 -8.74
C PRO F 41 -36.16 5.94 -8.75
N GLU F 42 -36.70 4.84 -9.27
CA GLU F 42 -38.15 4.65 -9.50
C GLU F 42 -38.85 5.92 -9.97
N HIS F 43 -38.15 6.72 -10.77
CA HIS F 43 -38.66 7.97 -11.32
C HIS F 43 -39.11 8.92 -10.22
N SER F 44 -38.18 9.29 -9.35
CA SER F 44 -38.45 10.23 -8.27
C SER F 44 -38.14 11.66 -8.72
N ASN F 45 -39.10 12.56 -8.54
CA ASN F 45 -38.92 13.96 -8.91
C ASN F 45 -37.93 14.65 -7.97
N ILE F 46 -36.65 14.56 -8.31
CA ILE F 46 -35.59 15.13 -7.46
C ILE F 46 -35.43 16.63 -7.68
N GLN F 47 -36.18 17.17 -8.64
CA GLN F 47 -36.21 18.61 -8.89
C GLN F 47 -36.74 19.34 -7.66
N HIS F 48 -37.44 18.60 -6.81
CA HIS F 48 -38.00 19.15 -5.59
C HIS F 48 -36.93 19.65 -4.61
N PHE F 49 -35.79 18.96 -4.56
CA PHE F 49 -34.75 19.38 -3.61
C PHE F 49 -33.43 19.72 -4.28
N VAL F 50 -33.41 19.78 -5.61
CA VAL F 50 -32.19 20.14 -6.34
C VAL F 50 -32.36 21.42 -7.15
N GLU F 51 -31.50 22.40 -6.88
CA GLU F 51 -31.47 23.63 -7.67
C GLU F 51 -30.82 23.38 -9.02
N LYS F 52 -29.66 22.73 -9.00
CA LYS F 52 -28.90 22.46 -10.21
C LYS F 52 -27.89 21.33 -10.04
N VAL F 53 -27.43 20.79 -11.16
CA VAL F 53 -26.38 19.78 -11.17
C VAL F 53 -25.29 20.20 -12.16
N VAL F 54 -24.04 20.16 -11.72
CA VAL F 54 -22.95 20.64 -12.56
C VAL F 54 -22.00 19.51 -12.98
N PHE F 55 -21.91 19.29 -14.28
CA PHE F 55 -21.01 18.28 -14.84
C PHE F 55 -19.68 18.91 -15.22
N HIS F 56 -18.59 18.34 -14.72
CA HIS F 56 -17.26 18.89 -14.98
C HIS F 56 -16.49 18.01 -15.96
N LEU F 57 -16.61 18.34 -17.24
CA LEU F 57 -15.96 17.58 -18.29
C LEU F 57 -14.45 17.82 -18.34
N HIS F 58 -13.76 17.04 -19.17
CA HIS F 58 -12.32 17.22 -19.38
C HIS F 58 -12.09 18.59 -20.00
N GLU F 59 -10.87 19.11 -19.89
CA GLU F 59 -10.55 20.42 -20.42
C GLU F 59 -10.68 20.43 -21.94
N SER F 60 -10.28 19.35 -22.60
CA SER F 60 -10.34 19.30 -24.07
C SER F 60 -11.79 19.26 -24.56
N PHE F 61 -12.56 20.31 -24.26
CA PHE F 61 -13.96 20.42 -24.69
C PHE F 61 -14.35 21.87 -24.50
N PRO F 62 -15.15 22.43 -25.42
CA PRO F 62 -15.70 23.72 -25.03
C PRO F 62 -16.57 23.61 -23.78
N ARG F 63 -16.74 24.74 -23.10
CA ARG F 63 -17.58 24.85 -21.91
C ARG F 63 -17.48 23.66 -20.95
N PRO F 64 -16.25 23.30 -20.52
CA PRO F 64 -16.09 22.08 -19.69
C PRO F 64 -17.01 22.07 -18.49
N LYS F 65 -17.21 23.24 -17.89
CA LYS F 65 -18.18 23.39 -16.83
C LYS F 65 -19.59 23.39 -17.43
N ARG F 66 -20.13 22.18 -17.62
CA ARG F 66 -21.50 22.04 -18.13
C ARG F 66 -22.47 22.12 -16.95
N VAL F 67 -23.31 23.16 -16.95
CA VAL F 67 -24.25 23.33 -15.85
C VAL F 67 -25.69 23.15 -16.30
N CYS F 68 -26.25 21.99 -15.98
CA CYS F 68 -27.67 21.74 -16.23
C CYS F 68 -28.45 22.07 -14.96
N LYS F 69 -29.29 23.10 -15.03
CA LYS F 69 -29.93 23.63 -13.83
C LYS F 69 -31.38 23.18 -13.71
N ASP F 70 -31.87 22.44 -14.69
CA ASP F 70 -33.24 21.94 -14.68
C ASP F 70 -33.31 20.56 -15.34
N PRO F 71 -34.29 19.74 -14.92
CA PRO F 71 -34.42 18.39 -15.48
C PRO F 71 -34.73 18.40 -16.98
N PRO F 72 -34.18 17.42 -17.73
CA PRO F 72 -33.31 16.37 -17.21
C PRO F 72 -31.87 16.82 -17.02
N TYR F 73 -31.26 16.41 -15.91
CA TYR F 73 -29.88 16.74 -15.61
C TYR F 73 -28.94 15.82 -16.36
N LYS F 74 -28.48 16.25 -17.53
CA LYS F 74 -27.77 15.36 -18.45
C LYS F 74 -26.89 16.14 -19.42
N VAL F 75 -26.06 15.42 -20.16
CA VAL F 75 -25.21 16.04 -21.16
C VAL F 75 -24.86 15.00 -22.25
N GLU F 76 -25.26 15.28 -23.48
CA GLU F 76 -24.87 14.44 -24.61
C GLU F 76 -23.65 15.10 -25.25
N GLU F 77 -22.62 14.34 -25.60
CA GLU F 77 -21.36 14.96 -26.01
C GLU F 77 -20.75 14.44 -27.31
N SER F 78 -20.14 13.26 -27.22
CA SER F 78 -19.25 12.63 -28.21
C SER F 78 -17.80 13.07 -27.97
N GLY F 79 -16.92 12.09 -27.79
CA GLY F 79 -15.50 12.37 -27.61
C GLY F 79 -14.65 11.22 -28.09
N TYR F 80 -13.34 11.41 -28.10
CA TYR F 80 -12.45 10.30 -28.44
C TYR F 80 -12.03 9.53 -27.20
N ALA F 81 -12.47 9.96 -26.03
CA ALA F 81 -11.91 9.39 -24.80
C ALA F 81 -12.75 9.50 -23.52
N GLY F 82 -12.43 8.61 -22.57
CA GLY F 82 -13.03 8.60 -21.25
C GLY F 82 -12.17 9.41 -20.30
N PHE F 83 -12.58 9.45 -19.03
CA PHE F 83 -12.04 10.40 -18.06
C PHE F 83 -12.77 10.28 -16.72
N ILE F 84 -12.24 10.92 -15.69
CA ILE F 84 -12.98 11.06 -14.44
C ILE F 84 -13.81 12.33 -14.53
N LEU F 85 -15.12 12.20 -14.32
CA LEU F 85 -16.07 13.32 -14.46
C LEU F 85 -16.68 13.73 -13.12
N PRO F 86 -16.12 14.77 -12.49
CA PRO F 86 -16.69 15.32 -11.25
C PRO F 86 -18.09 15.90 -11.46
N ILE F 87 -19.05 15.41 -10.68
CA ILE F 87 -20.41 15.92 -10.74
C ILE F 87 -20.80 16.55 -9.40
N GLU F 88 -21.38 17.74 -9.46
CA GLU F 88 -21.80 18.43 -8.24
C GLU F 88 -23.31 18.68 -8.23
N VAL F 89 -23.98 18.13 -7.22
CA VAL F 89 -25.42 18.35 -7.06
C VAL F 89 -25.70 19.40 -6.00
N TYR F 90 -26.31 20.51 -6.43
CA TYR F 90 -26.64 21.60 -5.51
C TYR F 90 -28.04 21.42 -4.97
N PHE F 91 -28.22 21.75 -3.70
CA PHE F 91 -29.49 21.52 -3.01
C PHE F 91 -30.28 22.79 -2.79
N LYS F 92 -31.59 22.64 -2.69
CA LYS F 92 -32.46 23.76 -2.35
C LYS F 92 -32.39 24.08 -0.85
N ASN F 93 -31.19 24.00 -0.26
CA ASN F 93 -31.05 24.27 1.17
C ASN F 93 -30.28 25.55 1.47
N LYS F 94 -30.61 26.14 2.63
CA LYS F 94 -30.01 27.39 3.06
C LYS F 94 -29.03 27.17 4.21
N GLU F 95 -28.60 25.93 4.38
CA GLU F 95 -27.72 25.55 5.49
C GLU F 95 -26.46 24.86 4.97
N GLU F 96 -25.83 24.07 5.82
CA GLU F 96 -24.70 23.24 5.42
C GLU F 96 -25.11 21.76 5.48
N PRO F 97 -24.72 20.98 4.46
CA PRO F 97 -23.94 21.40 3.28
C PRO F 97 -24.79 21.86 2.11
N ARG F 98 -24.21 22.69 1.25
CA ARG F 98 -24.90 23.25 0.09
C ARG F 98 -24.77 22.37 -1.14
N LYS F 99 -23.81 21.44 -1.12
CA LYS F 99 -23.54 20.63 -2.30
C LYS F 99 -22.97 19.25 -1.96
N VAL F 100 -23.10 18.33 -2.92
CA VAL F 100 -22.44 17.04 -2.84
C VAL F 100 -21.66 16.80 -4.12
N ARG F 101 -20.50 16.16 -4.01
CA ARG F 101 -19.64 15.95 -5.16
C ARG F 101 -19.28 14.48 -5.34
N PHE F 102 -19.48 13.97 -6.54
CA PHE F 102 -19.11 12.60 -6.87
C PHE F 102 -18.11 12.58 -8.01
N ASP F 103 -17.20 11.61 -7.98
CA ASP F 103 -16.25 11.40 -9.08
C ASP F 103 -16.71 10.26 -9.97
N TYR F 104 -17.50 10.57 -10.98
CA TYR F 104 -18.02 9.55 -11.87
C TYR F 104 -16.99 9.19 -12.95
N ASP F 105 -16.59 7.94 -12.95
CA ASP F 105 -15.74 7.38 -14.00
C ASP F 105 -16.57 7.15 -15.26
N LEU F 106 -16.36 7.98 -16.27
CA LEU F 106 -17.02 7.76 -17.55
C LEU F 106 -16.34 6.61 -18.28
N PHE F 107 -17.06 5.52 -18.40
CA PHE F 107 -16.53 4.26 -18.95
C PHE F 107 -16.61 4.22 -20.47
N LEU F 108 -15.64 3.56 -21.09
CA LEU F 108 -15.64 3.35 -22.53
C LEU F 108 -15.22 1.94 -22.91
N HIS F 109 -16.04 1.29 -23.74
CA HIS F 109 -15.72 -0.04 -24.25
C HIS F 109 -15.12 0.07 -25.65
N LEU F 110 -14.45 -0.97 -26.10
CA LEU F 110 -13.82 -0.97 -27.43
C LEU F 110 -14.85 -1.19 -28.53
N GLU F 111 -14.38 -1.29 -29.77
CA GLU F 111 -15.28 -1.33 -30.92
C GLU F 111 -16.08 -2.64 -31.02
N GLY F 112 -15.45 -3.76 -30.71
CA GLY F 112 -16.10 -5.04 -30.84
C GLY F 112 -17.00 -5.41 -29.68
N HIS F 113 -16.70 -4.85 -28.51
CA HIS F 113 -17.40 -5.19 -27.28
C HIS F 113 -18.75 -4.47 -27.22
N PRO F 114 -19.69 -4.99 -26.40
CA PRO F 114 -21.02 -4.37 -26.31
C PRO F 114 -20.97 -2.93 -25.77
N PRO F 115 -21.98 -2.13 -26.13
CA PRO F 115 -22.00 -0.71 -25.73
C PRO F 115 -22.08 -0.53 -24.22
N VAL F 116 -21.39 0.49 -23.72
CA VAL F 116 -21.38 0.78 -22.29
C VAL F 116 -22.78 1.12 -21.81
N ASN F 117 -23.17 0.53 -20.69
CA ASN F 117 -24.42 0.88 -20.04
C ASN F 117 -24.28 0.63 -18.54
N HIS F 118 -23.79 1.65 -17.84
CA HIS F 118 -23.44 1.52 -16.43
C HIS F 118 -24.39 2.28 -15.54
N LEU F 119 -24.64 1.75 -14.34
CA LEU F 119 -25.48 2.42 -13.36
C LEU F 119 -24.83 2.41 -11.99
N ARG F 120 -24.91 3.54 -11.31
CA ARG F 120 -24.31 3.71 -10.00
C ARG F 120 -25.27 4.37 -9.03
N CYS F 121 -25.53 3.72 -7.90
CA CYS F 121 -26.45 4.26 -6.90
C CYS F 121 -25.71 5.00 -5.79
N GLU F 122 -26.20 6.19 -5.45
CA GLU F 122 -25.63 6.95 -4.35
C GLU F 122 -26.71 7.38 -3.38
N LYS F 123 -26.38 7.37 -2.09
CA LYS F 123 -27.33 7.71 -1.04
C LYS F 123 -26.92 9.00 -0.31
N LEU F 124 -27.90 9.85 -0.05
CA LEU F 124 -27.65 11.11 0.64
C LEU F 124 -28.37 11.16 1.97
N THR F 125 -27.63 11.44 3.04
CA THR F 125 -28.22 11.56 4.36
C THR F 125 -28.01 12.95 4.96
N PHE F 126 -29.12 13.66 5.20
CA PHE F 126 -29.07 14.98 5.79
C PHE F 126 -29.38 14.92 7.28
N ASN F 127 -28.44 15.37 8.11
CA ASN F 127 -28.63 15.35 9.55
C ASN F 127 -29.23 16.65 10.07
N ASN F 128 -30.41 16.55 10.67
CA ASN F 128 -31.11 17.69 11.26
C ASN F 128 -31.26 18.88 10.33
N PRO F 129 -32.01 18.71 9.23
CA PRO F 129 -32.16 19.83 8.29
C PRO F 129 -33.24 20.79 8.78
N THR F 130 -33.46 21.88 8.04
CA THR F 130 -34.54 22.78 8.38
C THR F 130 -35.87 22.11 8.07
N GLU F 131 -36.96 22.73 8.52
CA GLU F 131 -38.28 22.15 8.39
C GLU F 131 -38.75 22.12 6.93
N ASP F 132 -38.57 23.24 6.23
CA ASP F 132 -39.04 23.37 4.85
C ASP F 132 -38.19 22.59 3.86
N PHE F 133 -36.87 22.62 4.04
CA PHE F 133 -35.97 21.91 3.14
C PHE F 133 -36.21 20.41 3.17
N ARG F 134 -36.55 19.87 4.34
CA ARG F 134 -36.92 18.47 4.47
C ARG F 134 -38.21 18.18 3.72
N ARG F 135 -39.16 19.11 3.81
CA ARG F 135 -40.45 18.93 3.19
C ARG F 135 -40.28 18.78 1.68
N LYS F 136 -39.23 19.41 1.17
CA LYS F 136 -38.83 19.22 -0.23
C LYS F 136 -38.18 17.86 -0.42
N LEU F 137 -37.36 17.44 0.55
CA LEU F 137 -36.66 16.17 0.47
C LEU F 137 -37.61 14.97 0.50
N LEU F 138 -38.74 15.12 1.21
CA LEU F 138 -39.69 14.01 1.35
C LEU F 138 -40.64 13.90 0.16
N LYS F 139 -40.78 14.98 -0.60
CA LYS F 139 -41.68 14.99 -1.75
C LYS F 139 -41.07 14.22 -2.92
N ALA F 140 -39.77 14.00 -2.87
CA ALA F 140 -39.08 13.26 -3.92
C ALA F 140 -39.34 11.75 -3.79
N MET G 3 -22.32 -9.24 26.25
CA MET G 3 -22.66 -7.83 26.34
C MET G 3 -21.85 -7.13 27.42
N ALA G 4 -21.67 -5.81 27.30
CA ALA G 4 -22.30 -5.01 26.25
C ALA G 4 -21.32 -4.42 25.25
N SER G 5 -21.04 -5.19 24.20
CA SER G 5 -20.30 -4.70 23.05
C SER G 5 -20.77 -5.46 21.83
N SER G 6 -20.72 -4.81 20.67
CA SER G 6 -21.26 -5.41 19.46
C SER G 6 -20.61 -4.91 18.18
N CYS G 7 -20.29 -5.85 17.31
CA CYS G 7 -19.85 -5.51 15.97
C CYS G 7 -21.02 -5.61 15.01
N ALA G 8 -21.18 -4.57 14.21
CA ALA G 8 -22.18 -4.54 13.15
C ALA G 8 -21.50 -4.29 11.81
N VAL G 9 -21.17 -5.37 11.11
CA VAL G 9 -20.50 -5.23 9.82
C VAL G 9 -21.50 -5.07 8.69
N GLN G 10 -21.32 -4.03 7.89
CA GLN G 10 -22.20 -3.74 6.78
C GLN G 10 -21.52 -3.90 5.43
N VAL G 11 -22.14 -4.64 4.54
CA VAL G 11 -21.68 -4.74 3.16
C VAL G 11 -22.80 -4.27 2.23
N LYS G 12 -22.43 -3.70 1.10
CA LYS G 12 -23.42 -3.33 0.10
C LYS G 12 -23.38 -4.28 -1.07
N LEU G 13 -24.56 -4.69 -1.53
CA LEU G 13 -24.68 -5.53 -2.70
C LEU G 13 -25.50 -4.81 -3.76
N GLU G 14 -25.31 -5.19 -5.01
CA GLU G 14 -26.07 -4.61 -6.10
C GLU G 14 -26.68 -5.69 -6.99
N LEU G 15 -28.00 -5.64 -7.12
CA LEU G 15 -28.72 -6.55 -7.99
C LEU G 15 -29.24 -5.76 -9.18
N GLY G 16 -29.16 -6.33 -10.37
CA GLY G 16 -29.60 -5.62 -11.55
C GLY G 16 -29.77 -6.50 -12.78
N HIS G 17 -30.40 -5.93 -13.80
CA HIS G 17 -30.64 -6.65 -15.03
C HIS G 17 -30.92 -5.70 -16.20
N ARG G 18 -30.53 -6.11 -17.40
CA ARG G 18 -30.94 -5.40 -18.60
C ARG G 18 -31.84 -6.29 -19.45
N ALA G 19 -32.71 -5.67 -20.25
CA ALA G 19 -33.63 -6.42 -21.09
C ALA G 19 -33.90 -5.68 -22.40
N GLN G 20 -33.37 -6.22 -23.50
CA GLN G 20 -33.49 -5.59 -24.80
C GLN G 20 -34.33 -6.45 -25.74
N VAL G 21 -35.02 -5.81 -26.69
CA VAL G 21 -35.72 -6.55 -27.72
C VAL G 21 -34.78 -6.84 -28.86
N ARG G 22 -34.85 -8.05 -29.40
CA ARG G 22 -34.03 -8.43 -30.53
C ARG G 22 -34.58 -7.81 -31.80
N LYS G 23 -33.75 -7.72 -32.83
CA LYS G 23 -34.20 -7.21 -34.13
C LYS G 23 -35.25 -8.17 -34.69
N LYS G 24 -34.85 -9.42 -34.85
CA LYS G 24 -35.77 -10.50 -35.18
C LYS G 24 -35.73 -11.52 -34.05
N PRO G 25 -36.91 -12.04 -33.67
CA PRO G 25 -37.00 -13.06 -32.60
C PRO G 25 -36.15 -14.29 -32.89
N THR G 26 -35.89 -15.09 -31.86
CA THR G 26 -35.11 -16.32 -32.05
C THR G 26 -35.92 -17.37 -32.78
N VAL G 27 -35.32 -18.53 -32.98
CA VAL G 27 -35.99 -19.61 -33.66
C VAL G 27 -37.19 -20.07 -32.86
N GLU G 28 -37.01 -20.13 -31.54
CA GLU G 28 -38.08 -20.54 -30.64
C GLU G 28 -39.04 -19.38 -30.38
N GLY G 29 -38.76 -18.25 -31.01
CA GLY G 29 -39.63 -17.09 -30.94
C GLY G 29 -39.45 -16.31 -29.65
N PHE G 30 -38.21 -16.23 -29.19
CA PHE G 30 -37.87 -15.44 -28.02
C PHE G 30 -37.73 -13.98 -28.42
N THR G 31 -38.55 -13.12 -27.81
CA THR G 31 -38.59 -11.71 -28.18
C THR G 31 -37.41 -10.93 -27.63
N HIS G 32 -37.02 -11.23 -26.39
CA HIS G 32 -36.00 -10.44 -25.70
C HIS G 32 -34.69 -11.19 -25.45
N ASP G 33 -33.63 -10.42 -25.25
CA ASP G 33 -32.40 -10.91 -24.67
C ASP G 33 -32.19 -10.19 -23.35
N TRP G 34 -31.95 -10.94 -22.27
CA TRP G 34 -31.73 -10.30 -20.98
C TRP G 34 -30.53 -10.85 -20.25
N MET G 35 -30.08 -10.08 -19.27
CA MET G 35 -28.91 -10.41 -18.46
C MET G 35 -29.22 -10.00 -17.02
N VAL G 36 -28.86 -10.84 -16.07
CA VAL G 36 -29.10 -10.51 -14.66
C VAL G 36 -27.83 -10.77 -13.85
N PHE G 37 -27.53 -9.90 -12.90
CA PHE G 37 -26.25 -9.97 -12.20
C PHE G 37 -26.32 -9.67 -10.71
N VAL G 38 -25.30 -10.11 -9.98
CA VAL G 38 -25.09 -9.74 -8.60
C VAL G 38 -23.65 -9.27 -8.42
N ARG G 39 -23.47 -8.07 -7.88
CA ARG G 39 -22.15 -7.48 -7.74
C ARG G 39 -22.10 -6.55 -6.54
N GLY G 40 -20.89 -6.27 -6.07
CA GLY G 40 -20.68 -5.22 -5.10
C GLY G 40 -20.46 -3.93 -5.86
N PRO G 41 -20.63 -2.79 -5.18
CA PRO G 41 -20.33 -1.48 -5.79
C PRO G 41 -18.91 -1.40 -6.33
N GLU G 42 -18.79 -0.81 -7.52
CA GLU G 42 -17.58 -0.70 -8.33
C GLU G 42 -16.32 -1.43 -7.85
N HIS G 43 -15.79 -1.01 -6.70
CA HIS G 43 -14.49 -1.48 -6.24
C HIS G 43 -14.51 -2.73 -5.36
N SER G 44 -15.68 -3.28 -5.09
CA SER G 44 -15.87 -4.20 -3.97
C SER G 44 -15.02 -5.47 -3.97
N ASN G 45 -15.12 -6.27 -5.03
CA ASN G 45 -14.58 -7.62 -5.05
C ASN G 45 -15.19 -8.46 -3.93
N ILE G 46 -16.50 -8.66 -4.01
CA ILE G 46 -17.26 -9.36 -2.97
C ILE G 46 -16.91 -10.85 -2.87
N GLN G 47 -15.98 -11.29 -3.70
CA GLN G 47 -15.56 -12.68 -3.75
C GLN G 47 -15.04 -13.18 -2.40
N HIS G 48 -14.51 -12.25 -1.61
CA HIS G 48 -13.88 -12.57 -0.34
C HIS G 48 -14.83 -13.18 0.68
N PHE G 49 -16.09 -12.76 0.67
CA PHE G 49 -17.05 -13.27 1.65
C PHE G 49 -18.19 -14.05 0.99
N VAL G 50 -18.32 -13.94 -0.32
CA VAL G 50 -19.38 -14.64 -1.04
C VAL G 50 -18.91 -16.03 -1.49
N GLU G 51 -19.67 -17.06 -1.09
CA GLU G 51 -19.35 -18.43 -1.43
C GLU G 51 -19.82 -18.78 -2.84
N LYS G 52 -21.08 -18.48 -3.12
CA LYS G 52 -21.68 -18.73 -4.44
C LYS G 52 -23.00 -17.98 -4.55
N VAL G 53 -23.38 -17.67 -5.78
CA VAL G 53 -24.67 -17.03 -6.03
C VAL G 53 -25.56 -17.97 -6.85
N VAL G 54 -26.80 -18.14 -6.41
CA VAL G 54 -27.74 -19.04 -7.06
C VAL G 54 -28.96 -18.31 -7.61
N PHE G 55 -29.14 -18.38 -8.93
CA PHE G 55 -30.30 -17.78 -9.58
C PHE G 55 -31.39 -18.82 -9.82
N HIS G 56 -32.62 -18.51 -9.44
CA HIS G 56 -33.74 -19.42 -9.67
C HIS G 56 -34.63 -18.91 -10.78
N LEU G 57 -34.42 -19.42 -11.99
CA LEU G 57 -35.22 -19.02 -13.12
C LEU G 57 -36.55 -19.76 -13.13
N HIS G 58 -37.47 -19.32 -13.99
CA HIS G 58 -38.76 -19.97 -14.15
C HIS G 58 -38.55 -21.41 -14.59
N GLU G 59 -39.53 -22.27 -14.32
CA GLU G 59 -39.42 -23.68 -14.71
C GLU G 59 -39.33 -23.82 -16.23
N SER G 60 -39.71 -22.76 -16.93
CA SER G 60 -39.72 -22.76 -18.39
C SER G 60 -38.34 -22.98 -18.99
N PHE G 61 -37.34 -22.34 -18.40
CA PHE G 61 -35.94 -22.53 -18.80
C PHE G 61 -35.45 -23.91 -18.40
N PRO G 62 -34.58 -24.50 -19.23
CA PRO G 62 -33.95 -25.76 -18.81
C PRO G 62 -32.98 -25.49 -17.68
N ARG G 63 -32.71 -26.50 -16.86
CA ARG G 63 -31.83 -26.42 -15.70
C ARG G 63 -31.91 -25.06 -14.99
N PRO G 64 -33.12 -24.64 -14.59
CA PRO G 64 -33.36 -23.26 -14.12
C PRO G 64 -32.54 -22.87 -12.90
N LYS G 65 -32.02 -23.83 -12.16
CA LYS G 65 -31.21 -23.51 -10.99
C LYS G 65 -29.76 -23.26 -11.42
N ARG G 66 -29.45 -22.00 -11.69
CA ARG G 66 -28.13 -21.60 -12.17
C ARG G 66 -27.19 -21.27 -11.01
N VAL G 67 -25.98 -21.82 -11.05
CA VAL G 67 -25.04 -21.62 -9.96
C VAL G 67 -23.73 -20.99 -10.42
N CYS G 68 -23.44 -19.80 -9.89
CA CYS G 68 -22.17 -19.13 -10.12
C CYS G 68 -21.30 -19.25 -8.87
N LYS G 69 -20.14 -19.87 -9.01
CA LYS G 69 -19.23 -20.06 -7.88
C LYS G 69 -18.07 -19.08 -7.96
N ASP G 70 -17.99 -18.37 -9.08
CA ASP G 70 -16.96 -17.37 -9.32
C ASP G 70 -17.53 -16.18 -10.08
N PRO G 71 -16.96 -14.99 -9.85
CA PRO G 71 -17.40 -13.78 -10.56
C PRO G 71 -17.04 -13.86 -12.03
N PRO G 72 -17.87 -13.27 -12.91
CA PRO G 72 -19.10 -12.55 -12.54
C PRO G 72 -20.27 -13.47 -12.21
N TYR G 73 -21.02 -13.11 -11.17
CA TYR G 73 -22.25 -13.80 -10.85
C TYR G 73 -23.30 -13.34 -11.85
N LYS G 74 -23.45 -14.13 -12.91
CA LYS G 74 -24.03 -13.67 -14.16
C LYS G 74 -24.95 -14.71 -14.80
N VAL G 75 -26.07 -14.25 -15.36
CA VAL G 75 -26.93 -15.14 -16.14
C VAL G 75 -27.40 -14.44 -17.42
N GLU G 76 -27.03 -15.02 -18.56
CA GLU G 76 -27.41 -14.48 -19.85
C GLU G 76 -28.42 -15.39 -20.55
N GLU G 77 -29.59 -14.85 -20.86
CA GLU G 77 -30.63 -15.65 -21.49
C GLU G 77 -31.53 -14.86 -22.45
N SER G 78 -32.35 -15.61 -23.19
CA SER G 78 -33.35 -15.04 -24.07
C SER G 78 -34.72 -15.58 -23.67
N GLY G 79 -35.73 -14.73 -23.70
CA GLY G 79 -37.07 -15.14 -23.30
C GLY G 79 -38.16 -14.31 -23.94
N TYR G 80 -39.41 -14.60 -23.57
CA TYR G 80 -40.55 -13.90 -24.14
C TYR G 80 -41.29 -13.06 -23.10
N ALA G 81 -41.10 -13.38 -21.82
CA ALA G 81 -41.79 -12.67 -20.75
C ALA G 81 -40.92 -12.51 -19.51
N GLY G 82 -41.36 -11.64 -18.60
CA GLY G 82 -40.66 -11.39 -17.36
C GLY G 82 -41.21 -12.23 -16.22
N PHE G 83 -40.44 -12.33 -15.14
CA PHE G 83 -40.84 -13.17 -14.01
C PHE G 83 -40.11 -12.78 -12.73
N ILE G 84 -40.58 -13.33 -11.61
CA ILE G 84 -39.90 -13.14 -10.33
C ILE G 84 -38.75 -14.12 -10.21
N LEU G 85 -37.55 -13.59 -10.00
CA LEU G 85 -36.34 -14.42 -9.94
C LEU G 85 -35.75 -14.42 -8.53
N PRO G 86 -35.99 -15.50 -7.78
CA PRO G 86 -35.36 -15.67 -6.47
C PRO G 86 -33.84 -15.80 -6.59
N ILE G 87 -33.11 -14.94 -5.90
CA ILE G 87 -31.65 -15.00 -5.89
C ILE G 87 -31.13 -15.30 -4.48
N GLU G 88 -30.25 -16.29 -4.37
CA GLU G 88 -29.66 -16.64 -3.09
C GLU G 88 -28.15 -16.38 -3.10
N VAL G 89 -27.68 -15.62 -2.13
CA VAL G 89 -26.25 -15.36 -1.97
C VAL G 89 -25.70 -16.11 -0.78
N TYR G 90 -24.85 -17.10 -1.04
CA TYR G 90 -24.24 -17.89 0.03
C TYR G 90 -22.92 -17.27 0.47
N PHE G 91 -22.70 -17.23 1.77
CA PHE G 91 -21.51 -16.59 2.33
C PHE G 91 -20.44 -17.59 2.72
N LYS G 92 -19.18 -17.17 2.63
CA LYS G 92 -18.09 -17.97 3.18
C LYS G 92 -18.16 -17.91 4.69
N ASN G 93 -19.23 -18.48 5.23
CA ASN G 93 -19.66 -18.28 6.60
C ASN G 93 -20.07 -19.59 7.24
N LYS G 94 -19.59 -19.84 8.46
CA LYS G 94 -19.80 -21.10 9.14
C LYS G 94 -20.76 -20.90 10.31
N GLU G 95 -21.64 -19.92 10.15
CA GLU G 95 -22.55 -19.50 11.20
C GLU G 95 -23.77 -18.85 10.55
N GLU G 96 -24.90 -18.80 11.27
CA GLU G 96 -26.08 -18.10 10.79
C GLU G 96 -25.85 -16.60 10.71
N PRO G 97 -26.33 -15.96 9.63
CA PRO G 97 -27.00 -16.60 8.50
C PRO G 97 -26.00 -17.13 7.47
N ARG G 98 -26.31 -18.26 6.87
CA ARG G 98 -25.44 -18.88 5.89
C ARG G 98 -25.74 -18.36 4.48
N LYS G 99 -26.88 -17.70 4.33
CA LYS G 99 -27.29 -17.15 3.04
C LYS G 99 -28.38 -16.08 3.20
N VAL G 100 -28.54 -15.27 2.17
CA VAL G 100 -29.61 -14.27 2.12
C VAL G 100 -30.37 -14.40 0.80
N ARG G 101 -31.67 -14.18 0.83
CA ARG G 101 -32.50 -14.36 -0.34
C ARG G 101 -33.20 -13.07 -0.77
N PHE G 102 -33.09 -12.75 -2.06
CA PHE G 102 -33.83 -11.66 -2.66
C PHE G 102 -34.72 -12.18 -3.79
N ASP G 103 -36.01 -11.85 -3.74
CA ASP G 103 -36.89 -12.15 -4.85
C ASP G 103 -36.78 -11.02 -5.88
N TYR G 104 -35.98 -11.23 -6.91
CA TYR G 104 -35.75 -10.16 -7.88
C TYR G 104 -36.78 -10.13 -8.99
N ASP G 105 -37.31 -8.92 -9.23
CA ASP G 105 -38.26 -8.67 -10.30
C ASP G 105 -37.54 -8.49 -11.62
N LEU G 106 -37.36 -9.58 -12.36
CA LEU G 106 -36.81 -9.48 -13.70
C LEU G 106 -37.96 -9.16 -14.65
N PHE G 107 -38.10 -7.88 -14.97
CA PHE G 107 -39.20 -7.43 -15.82
C PHE G 107 -38.69 -6.96 -17.17
N LEU G 108 -39.48 -7.21 -18.20
CA LEU G 108 -39.13 -6.82 -19.57
C LEU G 108 -40.03 -5.69 -20.04
N HIS G 109 -39.54 -4.92 -21.01
CA HIS G 109 -40.31 -3.82 -21.57
C HIS G 109 -40.87 -4.15 -22.95
N LEU G 110 -42.02 -3.57 -23.27
CA LEU G 110 -42.69 -3.85 -24.54
C LEU G 110 -41.97 -3.16 -25.70
N GLU G 111 -42.41 -3.46 -26.92
CA GLU G 111 -41.67 -3.11 -28.13
C GLU G 111 -41.38 -1.61 -28.30
N GLY G 112 -42.33 -0.76 -27.92
CA GLY G 112 -42.19 0.66 -28.16
C GLY G 112 -41.31 1.44 -27.20
N HIS G 113 -41.18 0.94 -25.98
CA HIS G 113 -40.54 1.67 -24.89
C HIS G 113 -39.03 1.41 -24.84
N PRO G 114 -38.27 2.23 -24.07
CA PRO G 114 -36.81 2.08 -24.09
C PRO G 114 -36.32 0.73 -23.54
N PRO G 115 -35.04 0.39 -23.79
CA PRO G 115 -34.47 -0.83 -23.22
C PRO G 115 -34.45 -0.78 -21.70
N VAL G 116 -34.36 -1.93 -21.05
CA VAL G 116 -34.34 -1.98 -19.60
C VAL G 116 -32.91 -1.96 -19.07
N ASN G 117 -32.68 -1.11 -18.08
CA ASN G 117 -31.44 -1.15 -17.32
C ASN G 117 -31.74 -0.77 -15.87
N HIS G 118 -31.95 -1.78 -15.04
CA HIS G 118 -32.41 -1.58 -13.68
C HIS G 118 -31.30 -1.88 -12.68
N LEU G 119 -31.21 -1.06 -11.65
CA LEU G 119 -30.26 -1.31 -10.58
C LEU G 119 -30.94 -1.27 -9.22
N ARG G 120 -30.69 -2.28 -8.41
CA ARG G 120 -31.29 -2.38 -7.08
C ARG G 120 -30.21 -2.62 -6.03
N CYS G 121 -30.10 -1.70 -5.08
CA CYS G 121 -29.05 -1.76 -4.07
C CYS G 121 -29.56 -2.33 -2.75
N GLU G 122 -28.76 -3.19 -2.14
CA GLU G 122 -29.11 -3.80 -0.85
C GLU G 122 -27.93 -3.76 0.11
N LYS G 123 -28.17 -3.26 1.32
CA LYS G 123 -27.15 -3.31 2.36
C LYS G 123 -27.43 -4.46 3.31
N LEU G 124 -26.37 -5.18 3.68
CA LEU G 124 -26.49 -6.30 4.60
C LEU G 124 -25.74 -6.01 5.89
N THR G 125 -26.43 -6.14 7.02
CA THR G 125 -25.78 -5.98 8.31
C THR G 125 -25.59 -7.33 8.98
N PHE G 126 -24.33 -7.69 9.23
CA PHE G 126 -24.02 -8.89 9.99
C PHE G 126 -23.71 -8.51 11.44
N ASN G 127 -24.54 -9.00 12.36
CA ASN G 127 -24.38 -8.65 13.77
C ASN G 127 -23.49 -9.64 14.52
N ASN G 128 -22.47 -9.10 15.19
CA ASN G 128 -21.49 -9.90 15.92
C ASN G 128 -20.96 -11.11 15.14
N PRO G 129 -20.33 -10.87 13.97
CA PRO G 129 -19.82 -12.01 13.20
C PRO G 129 -18.56 -12.57 13.85
N THR G 130 -18.16 -13.77 13.46
CA THR G 130 -16.88 -14.32 13.89
C THR G 130 -15.76 -13.46 13.30
N GLU G 131 -14.54 -13.65 13.78
CA GLU G 131 -13.44 -12.79 13.36
C GLU G 131 -12.97 -13.10 11.94
N ASP G 132 -12.93 -14.38 11.59
CA ASP G 132 -12.50 -14.79 10.25
C ASP G 132 -13.44 -14.25 9.18
N PHE G 133 -14.74 -14.46 9.37
CA PHE G 133 -15.75 -13.99 8.42
C PHE G 133 -15.78 -12.47 8.39
N ARG G 134 -15.47 -11.84 9.51
CA ARG G 134 -15.41 -10.38 9.56
C ARG G 134 -14.29 -9.84 8.67
N ARG G 135 -13.15 -10.52 8.70
CA ARG G 135 -12.01 -10.12 7.89
C ARG G 135 -12.31 -10.32 6.40
N LYS G 136 -13.10 -11.34 6.09
CA LYS G 136 -13.54 -11.59 4.72
C LYS G 136 -14.46 -10.46 4.27
N LEU G 137 -15.42 -10.13 5.12
CA LEU G 137 -16.39 -9.06 4.84
C LEU G 137 -15.70 -7.72 4.63
N LEU G 138 -14.59 -7.50 5.33
CA LEU G 138 -13.90 -6.21 5.27
C LEU G 138 -12.86 -6.14 4.15
N LYS G 139 -12.51 -7.27 3.57
CA LYS G 139 -11.66 -7.27 2.38
C LYS G 139 -12.49 -6.92 1.15
N ALA G 140 -13.81 -6.96 1.33
CA ALA G 140 -14.74 -6.56 0.28
C ALA G 140 -14.92 -5.05 0.26
N MET H 3 -15.90 2.36 -0.93
CA MET H 3 -15.93 0.95 -0.55
C MET H 3 -17.04 0.69 0.45
N ALA H 4 -17.59 -0.53 0.42
CA ALA H 4 -18.73 -0.86 1.27
C ALA H 4 -18.42 -2.00 2.23
N SER H 5 -17.67 -1.67 3.27
CA SER H 5 -17.37 -2.60 4.35
C SER H 5 -16.95 -1.80 5.57
N SER H 6 -17.65 -2.00 6.68
CA SER H 6 -17.37 -1.23 7.88
C SER H 6 -17.74 -1.98 9.14
N CYS H 7 -16.98 -1.75 10.20
CA CYS H 7 -17.38 -2.21 11.51
C CYS H 7 -17.80 -1.02 12.36
N ALA H 8 -18.89 -1.18 13.08
CA ALA H 8 -19.33 -0.19 14.05
C ALA H 8 -19.39 -0.82 15.43
N VAL H 9 -18.26 -0.82 16.12
CA VAL H 9 -18.18 -1.42 17.44
C VAL H 9 -18.69 -0.44 18.49
N GLN H 10 -19.72 -0.86 19.23
CA GLN H 10 -20.29 -0.03 20.28
C GLN H 10 -20.03 -0.62 21.66
N VAL H 11 -19.49 0.22 22.54
CA VAL H 11 -19.33 -0.16 23.94
C VAL H 11 -20.11 0.80 24.82
N LYS H 12 -20.55 0.31 25.98
CA LYS H 12 -21.34 1.12 26.89
C LYS H 12 -20.55 1.53 28.12
N LEU H 13 -20.81 2.76 28.58
CA LEU H 13 -20.16 3.28 29.77
C LEU H 13 -21.20 3.82 30.75
N GLU H 14 -20.93 3.66 32.04
CA GLU H 14 -21.76 4.27 33.07
C GLU H 14 -20.96 5.30 33.85
N LEU H 15 -21.48 6.53 33.87
CA LEU H 15 -20.90 7.60 34.68
C LEU H 15 -21.88 7.93 35.80
N GLY H 16 -21.39 8.12 37.01
CA GLY H 16 -22.27 8.38 38.12
C GLY H 16 -21.53 8.88 39.34
N HIS H 17 -22.28 9.33 40.34
CA HIS H 17 -21.68 9.80 41.57
C HIS H 17 -22.65 9.75 42.75
N ARG H 18 -22.08 9.53 43.93
CA ARG H 18 -22.84 9.54 45.17
C ARG H 18 -22.45 10.77 45.97
N ALA H 19 -23.42 11.39 46.63
CA ALA H 19 -23.17 12.61 47.38
C ALA H 19 -24.03 12.68 48.63
N GLN H 20 -23.41 12.40 49.78
CA GLN H 20 -24.12 12.39 51.04
C GLN H 20 -23.64 13.53 51.94
N VAL H 21 -24.53 14.03 52.78
CA VAL H 21 -24.19 15.08 53.74
C VAL H 21 -23.54 14.45 54.97
N ARG H 22 -22.41 15.01 55.41
CA ARG H 22 -21.70 14.47 56.56
C ARG H 22 -22.52 14.59 57.85
N LYS H 23 -22.16 13.74 58.82
CA LYS H 23 -22.80 13.76 60.12
C LYS H 23 -22.48 15.06 60.82
N LYS H 24 -21.20 15.39 60.82
CA LYS H 24 -20.73 16.73 61.17
C LYS H 24 -19.63 17.11 60.19
N PRO H 25 -19.61 18.38 59.76
CA PRO H 25 -18.63 18.81 58.77
C PRO H 25 -17.18 18.72 59.27
N THR H 26 -16.23 18.67 58.35
CA THR H 26 -14.83 18.54 58.72
C THR H 26 -14.31 19.86 59.29
N VAL H 27 -13.10 19.82 59.83
CA VAL H 27 -12.50 21.01 60.44
C VAL H 27 -12.25 22.10 59.41
N GLU H 28 -12.08 21.69 58.15
CA GLU H 28 -11.93 22.65 57.07
C GLU H 28 -13.29 23.24 56.72
N GLY H 29 -14.35 22.54 57.12
CA GLY H 29 -15.71 23.01 56.90
C GLY H 29 -16.41 22.31 55.76
N PHE H 30 -15.90 21.14 55.38
CA PHE H 30 -16.47 20.37 54.28
C PHE H 30 -17.76 19.70 54.72
N THR H 31 -18.86 20.05 54.05
CA THR H 31 -20.19 19.57 54.44
C THR H 31 -20.49 18.18 53.92
N HIS H 32 -20.06 17.89 52.69
CA HIS H 32 -20.44 16.64 52.05
C HIS H 32 -19.30 15.64 51.87
N ASP H 33 -19.67 14.37 51.76
CA ASP H 33 -18.78 13.33 51.26
C ASP H 33 -19.31 12.83 49.92
N TRP H 34 -18.46 12.81 48.89
CA TRP H 34 -18.89 12.34 47.58
C TRP H 34 -17.87 11.45 46.88
N MET H 35 -18.37 10.62 45.96
CA MET H 35 -17.56 9.75 45.12
C MET H 35 -18.08 9.79 43.69
N VAL H 36 -17.20 10.03 42.73
CA VAL H 36 -17.58 9.98 41.31
C VAL H 36 -16.85 8.81 40.65
N PHE H 37 -17.47 8.19 39.65
CA PHE H 37 -16.89 6.99 39.06
C PHE H 37 -17.23 6.79 37.59
N VAL H 38 -16.44 5.96 36.92
CA VAL H 38 -16.70 5.54 35.56
C VAL H 38 -16.55 4.03 35.48
N ARG H 39 -17.57 3.36 34.95
CA ARG H 39 -17.57 1.91 34.88
C ARG H 39 -18.41 1.43 33.71
N GLY H 40 -18.39 0.12 33.48
CA GLY H 40 -19.23 -0.49 32.48
C GLY H 40 -20.50 -1.02 33.15
N PRO H 41 -21.62 -0.98 32.43
CA PRO H 41 -22.88 -1.47 32.99
C PRO H 41 -22.89 -2.99 33.11
N GLU H 42 -23.72 -3.51 34.02
CA GLU H 42 -23.88 -4.94 34.22
C GLU H 42 -22.54 -5.64 34.45
N HIS H 43 -21.68 -4.98 35.22
CA HIS H 43 -20.40 -5.54 35.66
C HIS H 43 -19.48 -5.90 34.50
N SER H 44 -19.48 -5.09 33.46
CA SER H 44 -18.59 -5.31 32.33
C SER H 44 -17.19 -4.74 32.60
N ASN H 45 -16.17 -5.50 32.23
CA ASN H 45 -14.79 -5.07 32.45
C ASN H 45 -14.30 -4.16 31.33
N ILE H 46 -14.41 -2.85 31.54
CA ILE H 46 -13.99 -1.87 30.55
C ILE H 46 -12.47 -1.70 30.52
N GLN H 47 -11.78 -2.35 31.46
CA GLN H 47 -10.33 -2.30 31.53
C GLN H 47 -9.70 -2.90 30.27
N HIS H 48 -10.48 -3.69 29.54
CA HIS H 48 -10.01 -4.31 28.31
C HIS H 48 -9.65 -3.29 27.23
N PHE H 49 -10.43 -2.22 27.14
CA PHE H 49 -10.18 -1.22 26.11
C PHE H 49 -9.86 0.16 26.70
N VAL H 50 -10.06 0.32 28.00
CA VAL H 50 -9.71 1.58 28.65
C VAL H 50 -8.31 1.51 29.26
N GLU H 51 -7.44 2.44 28.86
CA GLU H 51 -6.09 2.53 29.39
C GLU H 51 -6.08 3.24 30.75
N LYS H 52 -6.85 4.31 30.85
CA LYS H 52 -6.89 5.12 32.07
C LYS H 52 -8.04 6.11 32.04
N VAL H 53 -8.54 6.47 33.21
CA VAL H 53 -9.57 7.50 33.35
C VAL H 53 -9.01 8.68 34.14
N VAL H 54 -9.17 9.89 33.61
CA VAL H 54 -8.66 11.07 34.28
C VAL H 54 -9.78 12.00 34.74
N PHE H 55 -9.88 12.17 36.06
CA PHE H 55 -10.87 13.07 36.64
C PHE H 55 -10.24 14.44 36.89
N HIS H 56 -10.85 15.49 36.33
CA HIS H 56 -10.34 16.84 36.51
C HIS H 56 -11.16 17.59 37.55
N LEU H 57 -10.71 17.52 38.80
CA LEU H 57 -11.40 18.15 39.91
C LEU H 57 -11.25 19.67 39.86
N HIS H 58 -11.97 20.37 40.72
CA HIS H 58 -11.87 21.83 40.82
C HIS H 58 -10.47 22.22 41.27
N GLU H 59 -10.11 23.47 41.00
CA GLU H 59 -8.78 23.98 41.37
C GLU H 59 -8.55 23.92 42.87
N SER H 60 -9.63 24.04 43.63
CA SER H 60 -9.55 24.13 45.08
C SER H 60 -9.21 22.79 45.75
N PHE H 61 -8.88 21.79 44.94
CA PHE H 61 -8.44 20.50 45.46
C PHE H 61 -6.94 20.31 45.25
N PRO H 62 -6.26 19.68 46.23
CA PRO H 62 -4.87 19.25 46.01
C PRO H 62 -4.85 18.11 45.02
N ARG H 63 -3.87 18.10 44.12
CA ARG H 63 -3.79 17.13 43.04
C ARG H 63 -5.10 17.06 42.27
N PRO H 64 -5.51 18.20 41.66
CA PRO H 64 -6.83 18.28 41.02
C PRO H 64 -6.96 17.32 39.85
N LYS H 65 -5.83 16.94 39.26
CA LYS H 65 -5.82 15.95 38.20
C LYS H 65 -5.60 14.57 38.79
N ARG H 66 -6.68 13.84 39.01
CA ARG H 66 -6.61 12.48 39.53
C ARG H 66 -6.58 11.49 38.37
N VAL H 67 -5.58 10.62 38.35
CA VAL H 67 -5.43 9.66 37.26
C VAL H 67 -5.53 8.21 37.73
N CYS H 68 -6.58 7.53 37.27
CA CYS H 68 -6.76 6.11 37.57
C CYS H 68 -6.42 5.25 36.35
N LYS H 69 -5.49 4.31 36.53
CA LYS H 69 -5.08 3.42 35.46
C LYS H 69 -5.53 2.00 35.72
N ASP H 70 -6.18 1.79 36.86
CA ASP H 70 -6.70 0.49 37.25
C ASP H 70 -8.09 0.63 37.87
N PRO H 71 -8.96 -0.35 37.61
CA PRO H 71 -10.31 -0.36 38.18
C PRO H 71 -10.25 -0.55 39.71
N PRO H 72 -11.22 0.04 40.44
CA PRO H 72 -12.30 0.86 39.90
C PRO H 72 -11.83 2.27 39.52
N TYR H 73 -12.41 2.82 38.45
CA TYR H 73 -12.11 4.19 38.06
C TYR H 73 -13.00 5.15 38.84
N LYS H 74 -12.54 5.50 40.04
CA LYS H 74 -13.30 6.38 40.90
C LYS H 74 -12.40 7.23 41.81
N VAL H 75 -12.90 8.38 42.21
CA VAL H 75 -12.24 9.25 43.17
C VAL H 75 -13.17 9.40 44.37
N GLU H 76 -12.61 9.60 45.56
CA GLU H 76 -13.42 9.83 46.76
C GLU H 76 -12.91 11.07 47.47
N GLU H 77 -13.81 12.00 47.75
CA GLU H 77 -13.42 13.27 48.35
C GLU H 77 -14.50 13.83 49.26
N SER H 78 -14.12 14.86 50.01
CA SER H 78 -15.06 15.62 50.82
C SER H 78 -15.00 17.07 50.36
N GLY H 79 -16.14 17.73 50.24
CA GLY H 79 -16.18 19.10 49.77
C GLY H 79 -17.35 19.91 50.32
N TYR H 80 -17.52 21.12 49.80
CA TYR H 80 -18.58 22.00 50.27
C TYR H 80 -19.53 22.45 49.16
N ALA H 81 -19.14 22.20 47.91
CA ALA H 81 -19.97 22.64 46.78
C ALA H 81 -19.80 21.75 45.56
N GLY H 82 -20.76 21.83 44.65
CA GLY H 82 -20.72 21.08 43.42
C GLY H 82 -20.04 21.84 42.30
N PHE H 83 -19.68 21.13 41.24
CA PHE H 83 -18.97 21.73 40.12
C PHE H 83 -19.04 20.84 38.88
N ILE H 84 -18.64 21.38 37.74
CA ILE H 84 -18.53 20.58 36.52
C ILE H 84 -17.19 19.87 36.50
N LEU H 85 -17.22 18.54 36.43
CA LEU H 85 -16.01 17.74 36.52
C LEU H 85 -15.71 17.07 35.18
N PRO H 86 -14.79 17.67 34.40
CA PRO H 86 -14.37 17.07 33.13
C PRO H 86 -13.71 15.70 33.33
N ILE H 87 -14.31 14.66 32.75
CA ILE H 87 -13.73 13.33 32.83
C ILE H 87 -13.18 12.92 31.46
N GLU H 88 -11.95 12.42 31.46
CA GLU H 88 -11.35 11.93 30.22
C GLU H 88 -11.07 10.43 30.31
N VAL H 89 -11.52 9.71 29.29
CA VAL H 89 -11.30 8.26 29.21
C VAL H 89 -10.34 7.93 28.08
N TYR H 90 -9.26 7.23 28.40
CA TYR H 90 -8.25 6.92 27.41
C TYR H 90 -8.36 5.47 26.97
N PHE H 91 -8.23 5.24 25.67
CA PHE H 91 -8.39 3.90 25.12
C PHE H 91 -7.05 3.26 24.84
N LYS H 92 -7.00 1.94 24.88
CA LYS H 92 -5.80 1.19 24.49
C LYS H 92 -5.71 1.19 22.97
N ASN H 93 -5.73 2.38 22.39
CA ASN H 93 -5.86 2.58 20.97
C ASN H 93 -4.58 3.17 20.36
N LYS H 94 -4.38 2.94 19.07
CA LYS H 94 -3.20 3.43 18.38
C LYS H 94 -3.55 4.54 17.39
N GLU H 95 -4.84 4.77 17.24
CA GLU H 95 -5.34 5.76 16.28
C GLU H 95 -6.39 6.64 16.92
N GLU H 96 -6.97 7.54 16.12
CA GLU H 96 -8.00 8.45 16.61
C GLU H 96 -9.38 7.79 16.55
N PRO H 97 -10.21 8.01 17.59
CA PRO H 97 -9.88 8.82 18.76
C PRO H 97 -9.08 8.07 19.82
N ARG H 98 -8.16 8.78 20.46
CA ARG H 98 -7.35 8.20 21.53
C ARG H 98 -8.06 8.35 22.88
N LYS H 99 -8.99 9.29 22.94
CA LYS H 99 -9.71 9.58 24.19
C LYS H 99 -11.08 10.17 23.93
N VAL H 100 -11.95 10.08 24.94
CA VAL H 100 -13.26 10.72 24.89
C VAL H 100 -13.44 11.58 26.16
N ARG H 101 -14.17 12.68 26.03
CA ARG H 101 -14.33 13.61 27.14
C ARG H 101 -15.80 13.87 27.48
N PHE H 102 -16.13 13.78 28.77
CA PHE H 102 -17.47 14.08 29.26
C PHE H 102 -17.43 15.17 30.33
N ASP H 103 -18.34 16.13 30.23
CA ASP H 103 -18.46 17.15 31.27
C ASP H 103 -19.50 16.70 32.31
N TYR H 104 -19.01 16.15 33.41
CA TYR H 104 -19.90 15.59 34.42
C TYR H 104 -20.35 16.65 35.43
N ASP H 105 -21.66 16.71 35.64
CA ASP H 105 -22.23 17.62 36.62
C ASP H 105 -22.24 16.96 37.99
N LEU H 106 -21.20 17.20 38.78
CA LEU H 106 -21.16 16.70 40.14
C LEU H 106 -21.91 17.65 41.06
N PHE H 107 -23.19 17.40 41.22
CA PHE H 107 -24.06 18.26 42.01
C PHE H 107 -24.35 17.66 43.37
N LEU H 108 -24.51 18.53 44.37
CA LEU H 108 -24.84 18.10 45.72
C LEU H 108 -26.25 18.50 46.10
N HIS H 109 -26.85 17.77 47.04
CA HIS H 109 -28.18 18.12 47.55
C HIS H 109 -28.05 18.75 48.94
N LEU H 110 -29.09 19.45 49.37
CA LEU H 110 -29.08 20.14 50.65
C LEU H 110 -29.35 19.18 51.81
N GLU H 111 -29.17 19.69 53.03
CA GLU H 111 -29.16 18.85 54.23
C GLU H 111 -30.49 18.14 54.51
N GLY H 112 -31.60 18.83 54.27
CA GLY H 112 -32.91 18.26 54.53
C GLY H 112 -33.47 17.47 53.37
N HIS H 113 -32.59 16.92 52.56
CA HIS H 113 -32.98 16.19 51.35
C HIS H 113 -32.19 14.88 51.23
N PRO H 114 -32.74 13.88 50.50
CA PRO H 114 -32.05 12.60 50.36
C PRO H 114 -30.70 12.74 49.64
N PRO H 115 -29.78 11.78 49.85
CA PRO H 115 -28.46 11.86 49.22
C PRO H 115 -28.54 11.72 47.71
N VAL H 116 -27.50 12.15 47.00
CA VAL H 116 -27.46 12.00 45.55
C VAL H 116 -26.97 10.62 45.15
N ASN H 117 -27.74 9.95 44.30
CA ASN H 117 -27.33 8.66 43.75
C ASN H 117 -27.62 8.66 42.24
N HIS H 118 -26.76 9.32 41.49
CA HIS H 118 -27.01 9.60 40.08
C HIS H 118 -26.28 8.65 39.14
N LEU H 119 -26.94 8.34 38.02
CA LEU H 119 -26.37 7.45 37.01
C LEU H 119 -26.54 8.06 35.61
N ARG H 120 -25.55 7.87 34.75
CA ARG H 120 -25.56 8.47 33.42
C ARG H 120 -25.09 7.48 32.35
N CYS H 121 -25.90 7.34 31.31
CA CYS H 121 -25.57 6.43 30.21
C CYS H 121 -24.77 7.10 29.12
N GLU H 122 -23.70 6.45 28.67
CA GLU H 122 -22.92 6.93 27.54
C GLU H 122 -22.53 5.77 26.62
N LYS H 123 -22.91 5.88 25.36
CA LYS H 123 -22.56 4.87 24.37
C LYS H 123 -21.41 5.36 23.48
N LEU H 124 -20.40 4.52 23.30
CA LEU H 124 -19.26 4.85 22.46
C LEU H 124 -19.28 4.06 21.17
N THR H 125 -19.09 4.75 20.05
CA THR H 125 -19.08 4.09 18.75
C THR H 125 -17.74 4.26 18.06
N PHE H 126 -17.07 3.14 17.79
CA PHE H 126 -15.79 3.16 17.08
C PHE H 126 -15.97 2.62 15.66
N ASN H 127 -15.76 3.48 14.67
CA ASN H 127 -15.90 3.07 13.27
C ASN H 127 -14.62 2.48 12.70
N ASN H 128 -14.74 1.29 12.11
CA ASN H 128 -13.61 0.57 11.53
C ASN H 128 -12.34 0.56 12.38
N PRO H 129 -12.42 -0.02 13.59
CA PRO H 129 -11.21 -0.04 14.42
C PRO H 129 -10.22 -1.10 13.95
N THR H 130 -9.00 -1.11 14.49
CA THR H 130 -8.04 -2.15 14.18
C THR H 130 -8.52 -3.47 14.78
N GLU H 131 -7.95 -4.58 14.32
CA GLU H 131 -8.39 -5.88 14.79
C GLU H 131 -8.06 -6.08 16.26
N ASP H 132 -6.87 -5.63 16.66
CA ASP H 132 -6.43 -5.73 18.05
C ASP H 132 -7.37 -4.98 18.99
N PHE H 133 -7.73 -3.76 18.60
CA PHE H 133 -8.60 -2.94 19.43
C PHE H 133 -9.99 -3.54 19.49
N ARG H 134 -10.40 -4.15 18.38
CA ARG H 134 -11.69 -4.83 18.30
C ARG H 134 -11.87 -5.90 19.37
N ARG H 135 -10.94 -6.85 19.42
CA ARG H 135 -11.03 -7.97 20.36
C ARG H 135 -10.88 -7.47 21.79
N LYS H 136 -10.28 -6.30 21.95
CA LYS H 136 -10.21 -5.64 23.25
C LYS H 136 -11.58 -5.12 23.62
N LEU H 137 -12.19 -4.37 22.70
CA LEU H 137 -13.53 -3.81 22.90
C LEU H 137 -14.58 -4.90 23.09
N LEU H 138 -14.40 -6.03 22.41
CA LEU H 138 -15.38 -7.10 22.45
C LEU H 138 -15.21 -8.04 23.64
N LYS H 139 -14.05 -7.98 24.29
CA LYS H 139 -13.84 -8.77 25.50
C LYS H 139 -14.57 -8.14 26.69
N ALA H 140 -15.00 -6.90 26.50
CA ALA H 140 -15.76 -6.19 27.54
C ALA H 140 -17.23 -6.60 27.50
N LYS I 1 12.11 -13.47 -47.92
CA LYS I 1 13.17 -13.02 -48.84
C LYS I 1 14.16 -14.13 -49.14
N ALA I 2 14.95 -14.50 -48.13
CA ALA I 2 15.98 -15.51 -48.30
C ALA I 2 15.51 -16.88 -47.84
N PRO I 3 16.01 -17.95 -48.49
CA PRO I 3 15.68 -19.33 -48.15
C PRO I 3 16.11 -19.71 -46.73
N ARG I 4 15.30 -20.53 -46.07
CA ARG I 4 15.58 -20.96 -44.70
C ARG I 4 15.38 -22.46 -44.58
N GLN I 6 13.55 -25.26 -42.79
CA GLN I 6 12.28 -25.30 -42.06
C GLN I 6 12.35 -26.14 -40.79
N LEU I 7 11.89 -25.56 -39.68
CA LEU I 7 11.73 -26.29 -38.43
C LEU I 7 10.41 -25.94 -37.75
N LYS J 1 -31.68 -15.99 45.88
CA LYS J 1 -31.39 -14.64 46.33
C LYS J 1 -32.66 -13.88 46.72
N ALA J 2 -32.86 -12.71 46.12
CA ALA J 2 -33.98 -11.84 46.42
C ALA J 2 -35.32 -12.52 46.13
N PRO J 3 -36.34 -12.23 46.95
CA PRO J 3 -37.67 -12.77 46.74
C PRO J 3 -38.37 -12.09 45.58
N ARG J 4 -39.25 -12.82 44.88
CA ARG J 4 -39.98 -12.24 43.76
C ARG J 4 -41.47 -12.57 43.82
N GLN J 6 -44.90 -13.09 41.77
CA GLN J 6 -45.05 -13.79 40.50
C GLN J 6 -46.45 -14.35 40.33
N LEU J 7 -46.87 -14.51 39.07
CA LEU J 7 -48.11 -15.21 38.73
C LEU J 7 -48.24 -15.39 37.22
N LYS K 1 50.52 1.43 -45.37
CA LYS K 1 51.25 1.17 -44.14
C LYS K 1 50.57 0.23 -43.12
N ALA K 2 49.29 0.38 -42.79
CA ALA K 2 48.28 1.22 -43.46
C ALA K 2 48.42 2.71 -43.22
N PRO K 3 48.17 3.51 -44.28
CA PRO K 3 48.32 4.96 -44.22
C PRO K 3 47.10 5.64 -43.62
N ARG K 4 47.31 6.73 -42.90
CA ARG K 4 46.22 7.47 -42.29
C ARG K 4 46.27 8.92 -42.74
N GLN K 6 45.93 13.20 -42.54
CA GLN K 6 46.67 14.20 -41.75
C GLN K 6 45.75 14.95 -40.78
N LEU K 7 46.28 15.18 -39.59
CA LEU K 7 45.50 15.71 -38.48
C LEU K 7 46.20 16.87 -37.79
N LYS L 1 27.96 -16.72 26.26
CA LYS L 1 28.35 -15.83 27.36
C LYS L 1 27.34 -14.70 27.52
N ALA L 2 26.17 -14.88 26.91
CA ALA L 2 25.10 -13.89 26.97
C ALA L 2 23.75 -14.60 26.86
N PRO L 3 22.67 -13.97 27.35
CA PRO L 3 21.39 -14.66 27.22
C PRO L 3 20.83 -14.57 25.80
N ARG L 4 21.25 -15.49 24.94
CA ARG L 4 20.68 -15.60 23.61
C ARG L 4 19.96 -16.93 23.49
N GLN L 6 18.05 -19.50 21.60
CA GLN L 6 18.61 -20.55 20.69
C GLN L 6 17.51 -21.30 19.90
N LEU L 7 17.86 -21.72 18.69
CA LEU L 7 16.92 -22.42 17.82
C LEU L 7 17.54 -23.73 17.31
N ALA M 2 23.54 23.49 16.74
CA ALA M 2 24.62 22.51 16.62
C ALA M 2 25.96 23.18 16.34
N PRO M 3 26.93 22.98 17.25
CA PRO M 3 28.25 23.60 17.14
C PRO M 3 29.28 22.73 16.40
N ARG M 4 29.86 23.28 15.34
CA ARG M 4 30.97 22.64 14.66
C ARG M 4 32.20 23.52 14.77
N GLN M 6 34.76 23.44 12.71
CA GLN M 6 35.02 23.85 11.34
C GLN M 6 36.40 24.46 11.18
N ALA N 2 -28.56 25.23 46.24
CA ALA N 2 -27.46 24.36 46.61
C ALA N 2 -26.12 24.95 46.16
N PRO N 3 -25.08 24.80 47.00
CA PRO N 3 -23.78 25.42 46.75
C PRO N 3 -23.08 24.86 45.51
N ARG N 4 -22.52 25.76 44.69
CA ARG N 4 -21.66 25.37 43.59
C ARG N 4 -20.36 26.15 43.64
N GLN N 6 -17.57 28.07 41.73
CA GLN N 6 -17.73 28.90 40.53
C GLN N 6 -17.33 28.13 39.27
N ALA O 2 -46.65 -5.34 -20.74
CA ALA O 2 -45.56 -6.31 -20.68
C ALA O 2 -46.05 -7.65 -20.15
N PRO O 3 -45.67 -8.74 -20.85
CA PRO O 3 -46.11 -10.09 -20.44
C PRO O 3 -45.40 -10.58 -19.18
N ARG O 4 -46.14 -11.21 -18.29
CA ARG O 4 -45.54 -11.94 -17.19
C ARG O 4 -46.01 -13.40 -17.19
N GLN O 6 -46.34 -16.16 -14.68
CA GLN O 6 -46.50 -16.78 -13.36
C GLN O 6 -45.40 -17.74 -12.90
N ALA P 2 -5.05 3.68 -23.54
CA ALA P 2 -6.26 3.70 -22.72
C ALA P 2 -7.32 4.61 -23.32
N PRO P 3 -8.55 4.09 -23.44
CA PRO P 3 -9.71 4.87 -23.88
C PRO P 3 -9.92 6.13 -23.07
N ARG P 4 -9.51 6.11 -21.81
CA ARG P 4 -9.67 7.28 -20.95
C ARG P 4 -8.50 8.23 -21.13
N GLN P 6 -6.30 10.74 -19.16
CA GLN P 6 -5.99 11.11 -17.78
C GLN P 6 -5.75 12.61 -17.58
N LEU P 7 -6.02 13.07 -16.37
CA LEU P 7 -5.80 14.45 -16.00
C LEU P 7 -4.33 14.70 -15.69
#